data_7N2Z
# 
_entry.id   7N2Z 
# 
_audit_conform.dict_name       mmcif_pdbx.dic 
_audit_conform.dict_version    5.380 
_audit_conform.dict_location   http://mmcif.pdb.org/dictionaries/ascii/mmcif_pdbx.dic 
# 
loop_
_database_2.database_id 
_database_2.database_code 
_database_2.pdbx_database_accession 
_database_2.pdbx_DOI 
PDB   7N2Z         pdb_00007n2z 10.2210/pdb7n2z/pdb 
WWPDB D_1000257105 ?            ?                   
# 
_pdbx_database_status.status_code                     REL 
_pdbx_database_status.status_code_sf                  REL 
_pdbx_database_status.status_code_mr                  ? 
_pdbx_database_status.entry_id                        7N2Z 
_pdbx_database_status.recvd_initial_deposition_date   2021-05-30 
_pdbx_database_status.SG_entry                        N 
_pdbx_database_status.deposit_site                    RCSB 
_pdbx_database_status.process_site                    RCSB 
_pdbx_database_status.status_code_cs                  ? 
_pdbx_database_status.status_code_nmr_data            ? 
_pdbx_database_status.methods_development_category    ? 
_pdbx_database_status.pdb_format_compatible           Y 
# 
loop_
_audit_author.name 
_audit_author.pdbx_ordinal 
_audit_author.identifier_ORCID 
'Ruckthong, L.'  1 0000-0001-9352-2534 
'Stuckey, J.A.'  2 0000-0002-4192-8900 
'Pecoraro, V.L.' 3 0000-0002-1540-5735 
# 
_citation.abstract                  ? 
_citation.abstract_id_CAS           ? 
_citation.book_id_ISBN              ? 
_citation.book_publisher            ? 
_citation.book_publisher_city       ? 
_citation.book_title                ? 
_citation.coordinate_linkage        ? 
_citation.country                   US 
_citation.database_id_Medline       ? 
_citation.details                   ? 
_citation.id                        primary 
_citation.journal_abbrev            J.Am.Chem.Soc. 
_citation.journal_id_ASTM           JACSAT 
_citation.journal_id_CSD            ? 
_citation.journal_id_ISSN           1520-5126 
_citation.journal_full              ? 
_citation.journal_issue             ? 
_citation.journal_volume            143 
_citation.language                  ? 
_citation.page_first                15271 
_citation.page_last                 15278 
_citation.title                     
'Open Reading Frame 1 Protein of the Human Long Interspersed Nuclear Element 1 Retrotransposon Binds Multiple Equivalents of Lead.' 
_citation.year                      2021 
_citation.database_id_CSD           ? 
_citation.pdbx_database_id_DOI      10.1021/jacs.1c06461 
_citation.pdbx_database_id_PubMed   34494819 
_citation.pdbx_database_id_patent   ? 
_citation.unpublished_flag          ? 
# 
loop_
_citation_author.citation_id 
_citation_author.name 
_citation_author.ordinal 
_citation_author.identifier_ORCID 
primary 'Pinter, T.B.J.'    1 0000-0003-4381-3303 
primary 'Ruckthong, L.'     2 ?                   
primary 'Stuckey, J.A.'     3 ?                   
primary 'Deb, A.'           4 0000-0002-0331-9709 
primary 'Penner-Hahn, J.E.' 5 0000-0003-0314-1274 
primary 'Pecoraro, V.L.'    6 0000-0002-1540-5735 
# 
_cell.angle_alpha                  90.000 
_cell.angle_alpha_esd              ? 
_cell.angle_beta                   90.000 
_cell.angle_beta_esd               ? 
_cell.angle_gamma                  120.000 
_cell.angle_gamma_esd              ? 
_cell.entry_id                     7N2Z 
_cell.details                      ? 
_cell.formula_units_Z              ? 
_cell.length_a                     38.130 
_cell.length_a_esd                 ? 
_cell.length_b                     38.130 
_cell.length_b_esd                 ? 
_cell.length_c                     139.957 
_cell.length_c_esd                 ? 
_cell.volume                       ? 
_cell.volume_esd                   ? 
_cell.Z_PDB                        18 
_cell.reciprocal_angle_alpha       ? 
_cell.reciprocal_angle_beta        ? 
_cell.reciprocal_angle_gamma       ? 
_cell.reciprocal_angle_alpha_esd   ? 
_cell.reciprocal_angle_beta_esd    ? 
_cell.reciprocal_angle_gamma_esd   ? 
_cell.reciprocal_length_a          ? 
_cell.reciprocal_length_b          ? 
_cell.reciprocal_length_c          ? 
_cell.reciprocal_length_a_esd      ? 
_cell.reciprocal_length_b_esd      ? 
_cell.reciprocal_length_c_esd      ? 
_cell.pdbx_unique_axis             ? 
# 
_symmetry.entry_id                         7N2Z 
_symmetry.cell_setting                     ? 
_symmetry.Int_Tables_number                155 
_symmetry.space_group_name_Hall            ? 
_symmetry.space_group_name_H-M             'H 3 2' 
_symmetry.pdbx_full_space_group_name_H-M   ? 
# 
loop_
_entity.id 
_entity.type 
_entity.src_method 
_entity.pdbx_description 
_entity.formula_weight 
_entity.pdbx_number_of_molecules 
_entity.pdbx_ec 
_entity.pdbx_mutation 
_entity.pdbx_fragment 
_entity.details 
1 polymer     syn 'Pb(II)2-(GRAND CoilSerL16CL23C)3' 4104.785 1  ? ? ? ? 
2 non-polymer syn 'ZINC ION'                         65.409   1  ? ? ? ? 
3 non-polymer nat 'LEAD (II) ION'                    207.200  2  ? ? ? ? 
4 non-polymer syn 'CHLORIDE ION'                     35.453   1  ? ? ? ? 
5 water       nat water                              18.015   78 ? ? ? ? 
# 
_entity_poly.entity_id                      1 
_entity_poly.type                           'polypeptide(L)' 
_entity_poly.nstd_linkage                   no 
_entity_poly.nstd_monomer                   no 
_entity_poly.pdbx_seq_one_letter_code       EWEALEKKLAALESKCQALEKKCQALEKKLEALEHG 
_entity_poly.pdbx_seq_one_letter_code_can   EWEALEKKLAALESKCQALEKKCQALEKKLEALEHG 
_entity_poly.pdbx_strand_id                 A 
_entity_poly.pdbx_target_identifier         ? 
# 
loop_
_entity_poly_seq.entity_id 
_entity_poly_seq.num 
_entity_poly_seq.mon_id 
_entity_poly_seq.hetero 
1 1  GLU n 
1 2  TRP n 
1 3  GLU n 
1 4  ALA n 
1 5  LEU n 
1 6  GLU n 
1 7  LYS n 
1 8  LYS n 
1 9  LEU n 
1 10 ALA n 
1 11 ALA n 
1 12 LEU n 
1 13 GLU n 
1 14 SER n 
1 15 LYS n 
1 16 CYS n 
1 17 GLN n 
1 18 ALA n 
1 19 LEU n 
1 20 GLU n 
1 21 LYS n 
1 22 LYS n 
1 23 CYS n 
1 24 GLN n 
1 25 ALA n 
1 26 LEU n 
1 27 GLU n 
1 28 LYS n 
1 29 LYS n 
1 30 LEU n 
1 31 GLU n 
1 32 ALA n 
1 33 LEU n 
1 34 GLU n 
1 35 HIS n 
1 36 GLY n 
# 
_pdbx_entity_src_syn.entity_id              1 
_pdbx_entity_src_syn.pdbx_src_id            1 
_pdbx_entity_src_syn.pdbx_alt_source_flag   sample 
_pdbx_entity_src_syn.pdbx_beg_seq_num       1 
_pdbx_entity_src_syn.pdbx_end_seq_num       36 
_pdbx_entity_src_syn.organism_scientific    'synthetic construct' 
_pdbx_entity_src_syn.organism_common_name   ? 
_pdbx_entity_src_syn.ncbi_taxonomy_id       32630 
_pdbx_entity_src_syn.details                ? 
# 
_struct_ref.id                         1 
_struct_ref.db_name                    PDB 
_struct_ref.db_code                    7N2Z 
_struct_ref.pdbx_db_accession          7N2Z 
_struct_ref.pdbx_db_isoform            ? 
_struct_ref.entity_id                  1 
_struct_ref.pdbx_seq_one_letter_code   ? 
_struct_ref.pdbx_align_begin           1 
# 
_struct_ref_seq.align_id                      1 
_struct_ref_seq.ref_id                        1 
_struct_ref_seq.pdbx_PDB_id_code              7N2Z 
_struct_ref_seq.pdbx_strand_id                A 
_struct_ref_seq.seq_align_beg                 1 
_struct_ref_seq.pdbx_seq_align_beg_ins_code   ? 
_struct_ref_seq.seq_align_end                 36 
_struct_ref_seq.pdbx_seq_align_end_ins_code   ? 
_struct_ref_seq.pdbx_db_accession             7N2Z 
_struct_ref_seq.db_align_beg                  1 
_struct_ref_seq.pdbx_db_align_beg_ins_code    ? 
_struct_ref_seq.db_align_end                  36 
_struct_ref_seq.pdbx_db_align_end_ins_code    ? 
_struct_ref_seq.pdbx_auth_seq_align_beg       1 
_struct_ref_seq.pdbx_auth_seq_align_end       36 
# 
loop_
_chem_comp.id 
_chem_comp.type 
_chem_comp.mon_nstd_flag 
_chem_comp.name 
_chem_comp.pdbx_synonyms 
_chem_comp.formula 
_chem_comp.formula_weight 
ALA 'L-peptide linking' y ALANINE         ? 'C3 H7 N O2'     89.093  
CL  non-polymer         . 'CHLORIDE ION'  ? 'Cl -1'          35.453  
CYS 'L-peptide linking' y CYSTEINE        ? 'C3 H7 N O2 S'   121.158 
GLN 'L-peptide linking' y GLUTAMINE       ? 'C5 H10 N2 O3'   146.144 
GLU 'L-peptide linking' y 'GLUTAMIC ACID' ? 'C5 H9 N O4'     147.129 
GLY 'peptide linking'   y GLYCINE         ? 'C2 H5 N O2'     75.067  
HIS 'L-peptide linking' y HISTIDINE       ? 'C6 H10 N3 O2 1' 156.162 
HOH non-polymer         . WATER           ? 'H2 O'           18.015  
LEU 'L-peptide linking' y LEUCINE         ? 'C6 H13 N O2'    131.173 
LYS 'L-peptide linking' y LYSINE          ? 'C6 H15 N2 O2 1' 147.195 
PB  non-polymer         . 'LEAD (II) ION' ? 'Pb 2'           207.200 
SER 'L-peptide linking' y SERINE          ? 'C3 H7 N O3'     105.093 
TRP 'L-peptide linking' y TRYPTOPHAN      ? 'C11 H12 N2 O2'  204.225 
ZN  non-polymer         . 'ZINC ION'      ? 'Zn 2'           65.409  
# 
_exptl.absorpt_coefficient_mu     ? 
_exptl.absorpt_correction_T_max   ? 
_exptl.absorpt_correction_T_min   ? 
_exptl.absorpt_correction_type    ? 
_exptl.absorpt_process_details    ? 
_exptl.entry_id                   7N2Z 
_exptl.crystals_number            1 
_exptl.details                    ? 
_exptl.method                     'X-RAY DIFFRACTION' 
_exptl.method_details             ? 
# 
_exptl_crystal.colour                      ? 
_exptl_crystal.density_diffrn              ? 
_exptl_crystal.density_Matthews            2.39 
_exptl_crystal.density_method              ? 
_exptl_crystal.density_percent_sol         48.43 
_exptl_crystal.description                 ? 
_exptl_crystal.F_000                       ? 
_exptl_crystal.id                          1 
_exptl_crystal.preparation                 ? 
_exptl_crystal.size_max                    ? 
_exptl_crystal.size_mid                    ? 
_exptl_crystal.size_min                    ? 
_exptl_crystal.size_rad                    ? 
_exptl_crystal.colour_lustre               ? 
_exptl_crystal.colour_modifier             ? 
_exptl_crystal.colour_primary              ? 
_exptl_crystal.density_meas                ? 
_exptl_crystal.density_meas_esd            ? 
_exptl_crystal.density_meas_gt             ? 
_exptl_crystal.density_meas_lt             ? 
_exptl_crystal.density_meas_temp           ? 
_exptl_crystal.density_meas_temp_esd       ? 
_exptl_crystal.density_meas_temp_gt        ? 
_exptl_crystal.density_meas_temp_lt        ? 
_exptl_crystal.pdbx_crystal_image_url      ? 
_exptl_crystal.pdbx_crystal_image_format   ? 
_exptl_crystal.pdbx_mosaicity              ? 
_exptl_crystal.pdbx_mosaicity_esd          ? 
# 
_exptl_crystal_grow.apparatus       ? 
_exptl_crystal_grow.atmosphere      ? 
_exptl_crystal_grow.crystal_id      1 
_exptl_crystal_grow.details         ? 
_exptl_crystal_grow.method          'VAPOR DIFFUSION, SITTING DROP' 
_exptl_crystal_grow.method_ref      ? 
_exptl_crystal_grow.pH              5.4 
_exptl_crystal_grow.pressure        ? 
_exptl_crystal_grow.pressure_esd    ? 
_exptl_crystal_grow.seeding         ? 
_exptl_crystal_grow.seeding_ref     ? 
_exptl_crystal_grow.temp            293 
_exptl_crystal_grow.temp_details    ? 
_exptl_crystal_grow.temp_esd        ? 
_exptl_crystal_grow.time            ? 
_exptl_crystal_grow.pdbx_details    '40% (v/v) PEG-400, sodium acetate buffer pH 4.5 at a final well solution pH 5.4' 
_exptl_crystal_grow.pdbx_pH_range   ? 
# 
_diffrn.ambient_environment              ? 
_diffrn.ambient_temp                     100 
_diffrn.ambient_temp_details             'C(111)' 
_diffrn.ambient_temp_esd                 ? 
_diffrn.crystal_id                       1 
_diffrn.crystal_support                  ? 
_diffrn.crystal_treatment                ? 
_diffrn.details                          ? 
_diffrn.id                               1 
_diffrn.ambient_pressure                 ? 
_diffrn.ambient_pressure_esd             ? 
_diffrn.ambient_pressure_gt              ? 
_diffrn.ambient_pressure_lt              ? 
_diffrn.ambient_temp_gt                  ? 
_diffrn.ambient_temp_lt                  ? 
_diffrn.pdbx_serial_crystal_experiment   N 
# 
_diffrn_detector.details                      ? 
_diffrn_detector.detector                     CCD 
_diffrn_detector.diffrn_id                    1 
_diffrn_detector.type                         'MARMOSAIC 225 mm CCD' 
_diffrn_detector.area_resol_mean              ? 
_diffrn_detector.dtime                        ? 
_diffrn_detector.pdbx_frames_total            ? 
_diffrn_detector.pdbx_collection_time_total   ? 
_diffrn_detector.pdbx_collection_date         2018-08-15 
_diffrn_detector.pdbx_frequency               ? 
# 
_diffrn_radiation.collimation                      ? 
_diffrn_radiation.diffrn_id                        1 
_diffrn_radiation.filter_edge                      ? 
_diffrn_radiation.inhomogeneity                    ? 
_diffrn_radiation.monochromator                    ? 
_diffrn_radiation.polarisn_norm                    ? 
_diffrn_radiation.polarisn_ratio                   ? 
_diffrn_radiation.probe                            ? 
_diffrn_radiation.type                             ? 
_diffrn_radiation.xray_symbol                      ? 
_diffrn_radiation.wavelength_id                    1 
_diffrn_radiation.pdbx_monochromatic_or_laue_m_l   M 
_diffrn_radiation.pdbx_wavelength_list             ? 
_diffrn_radiation.pdbx_wavelength                  ? 
_diffrn_radiation.pdbx_diffrn_protocol             'SINGLE WAVELENGTH' 
_diffrn_radiation.pdbx_analyzer                    ? 
_diffrn_radiation.pdbx_scattering_type             x-ray 
# 
_diffrn_radiation_wavelength.id           1 
_diffrn_radiation_wavelength.wavelength   0.97872 
_diffrn_radiation_wavelength.wt           1.0 
# 
_diffrn_source.current                     ? 
_diffrn_source.details                     ? 
_diffrn_source.diffrn_id                   1 
_diffrn_source.power                       ? 
_diffrn_source.size                        ? 
_diffrn_source.source                      SYNCHROTRON 
_diffrn_source.target                      ? 
_diffrn_source.type                        'APS BEAMLINE 21-ID-F' 
_diffrn_source.voltage                     ? 
_diffrn_source.take-off_angle              ? 
_diffrn_source.pdbx_wavelength_list        0.97872 
_diffrn_source.pdbx_wavelength             ? 
_diffrn_source.pdbx_synchrotron_beamline   21-ID-F 
_diffrn_source.pdbx_synchrotron_site       APS 
# 
_reflns.B_iso_Wilson_estimate                          17.110 
_reflns.entry_id                                       7N2Z 
_reflns.data_reduction_details                         ? 
_reflns.data_reduction_method                          ? 
_reflns.d_resolution_high                              1.290 
_reflns.d_resolution_low                               50.000 
_reflns.details                                        ? 
_reflns.limit_h_max                                    ? 
_reflns.limit_h_min                                    ? 
_reflns.limit_k_max                                    ? 
_reflns.limit_k_min                                    ? 
_reflns.limit_l_max                                    ? 
_reflns.limit_l_min                                    ? 
_reflns.number_all                                     ? 
_reflns.number_obs                                     10269 
_reflns.observed_criterion                             ? 
_reflns.observed_criterion_F_max                       ? 
_reflns.observed_criterion_F_min                       ? 
_reflns.observed_criterion_I_max                       ? 
_reflns.observed_criterion_I_min                       ? 
_reflns.observed_criterion_sigma_F                     ? 
_reflns.observed_criterion_sigma_I                     ? 
_reflns.percent_possible_obs                           99.700 
_reflns.R_free_details                                 ? 
_reflns.Rmerge_F_all                                   ? 
_reflns.Rmerge_F_obs                                   ? 
_reflns.Friedel_coverage                               ? 
_reflns.number_gt                                      ? 
_reflns.threshold_expression                           ? 
_reflns.pdbx_redundancy                                15.400 
_reflns.pdbx_Rmerge_I_obs                              0.061 
_reflns.pdbx_Rmerge_I_all                              ? 
_reflns.pdbx_Rsym_value                                ? 
_reflns.pdbx_netI_over_av_sigmaI                       ? 
_reflns.pdbx_netI_over_sigmaI                          10.600 
_reflns.pdbx_res_netI_over_av_sigmaI_2                 ? 
_reflns.pdbx_res_netI_over_sigmaI_2                    ? 
_reflns.pdbx_chi_squared                               1.063 
_reflns.pdbx_scaling_rejects                           ? 
_reflns.pdbx_d_res_high_opt                            ? 
_reflns.pdbx_d_res_low_opt                             ? 
_reflns.pdbx_d_res_opt_method                          ? 
_reflns.phase_calculation_details                      ? 
_reflns.pdbx_Rrim_I_all                                0.063 
_reflns.pdbx_Rpim_I_all                                0.016 
_reflns.pdbx_d_opt                                     ? 
_reflns.pdbx_number_measured_all                       157731 
_reflns.pdbx_diffrn_id                                 1 
_reflns.pdbx_ordinal                                   1 
_reflns.pdbx_CC_half                                   ? 
_reflns.pdbx_CC_star                                   ? 
_reflns.pdbx_R_split                                   ? 
_reflns.pdbx_aniso_diffraction_limit_axis_1_ortho[1]   ? 
_reflns.pdbx_aniso_diffraction_limit_axis_1_ortho[2]   ? 
_reflns.pdbx_aniso_diffraction_limit_axis_1_ortho[3]   ? 
_reflns.pdbx_aniso_diffraction_limit_axis_2_ortho[1]   ? 
_reflns.pdbx_aniso_diffraction_limit_axis_2_ortho[2]   ? 
_reflns.pdbx_aniso_diffraction_limit_axis_2_ortho[3]   ? 
_reflns.pdbx_aniso_diffraction_limit_axis_3_ortho[1]   ? 
_reflns.pdbx_aniso_diffraction_limit_axis_3_ortho[2]   ? 
_reflns.pdbx_aniso_diffraction_limit_axis_3_ortho[3]   ? 
_reflns.pdbx_aniso_diffraction_limit_1                 ? 
_reflns.pdbx_aniso_diffraction_limit_2                 ? 
_reflns.pdbx_aniso_diffraction_limit_3                 ? 
_reflns.pdbx_aniso_B_tensor_eigenvector_1_ortho[1]     ? 
_reflns.pdbx_aniso_B_tensor_eigenvector_1_ortho[2]     ? 
_reflns.pdbx_aniso_B_tensor_eigenvector_1_ortho[3]     ? 
_reflns.pdbx_aniso_B_tensor_eigenvector_2_ortho[1]     ? 
_reflns.pdbx_aniso_B_tensor_eigenvector_2_ortho[2]     ? 
_reflns.pdbx_aniso_B_tensor_eigenvector_2_ortho[3]     ? 
_reflns.pdbx_aniso_B_tensor_eigenvector_3_ortho[1]     ? 
_reflns.pdbx_aniso_B_tensor_eigenvector_3_ortho[2]     ? 
_reflns.pdbx_aniso_B_tensor_eigenvector_3_ortho[3]     ? 
_reflns.pdbx_aniso_B_tensor_eigenvalue_1               ? 
_reflns.pdbx_aniso_B_tensor_eigenvalue_2               ? 
_reflns.pdbx_aniso_B_tensor_eigenvalue_3               ? 
_reflns.pdbx_orthogonalization_convention              ? 
_reflns.pdbx_percent_possible_ellipsoidal              ? 
_reflns.pdbx_percent_possible_spherical                ? 
_reflns.pdbx_percent_possible_ellipsoidal_anomalous    ? 
_reflns.pdbx_percent_possible_spherical_anomalous      ? 
_reflns.pdbx_redundancy_anomalous                      ? 
_reflns.pdbx_CC_half_anomalous                         ? 
_reflns.pdbx_absDiff_over_sigma_anomalous              ? 
_reflns.pdbx_percent_possible_anomalous                ? 
_reflns.pdbx_observed_signal_threshold                 ? 
_reflns.pdbx_signal_type                               ? 
_reflns.pdbx_signal_details                            ? 
_reflns.pdbx_signal_software_id                        ? 
# 
loop_
_reflns_shell.d_res_high 
_reflns_shell.d_res_low 
_reflns_shell.meanI_over_sigI_all 
_reflns_shell.meanI_over_sigI_obs 
_reflns_shell.number_measured_all 
_reflns_shell.number_measured_obs 
_reflns_shell.number_possible 
_reflns_shell.number_unique_all 
_reflns_shell.number_unique_obs 
_reflns_shell.percent_possible_all 
_reflns_shell.percent_possible_obs 
_reflns_shell.Rmerge_F_all 
_reflns_shell.Rmerge_F_obs 
_reflns_shell.Rmerge_I_all 
_reflns_shell.Rmerge_I_obs 
_reflns_shell.meanI_over_sigI_gt 
_reflns_shell.meanI_over_uI_all 
_reflns_shell.meanI_over_uI_gt 
_reflns_shell.number_measured_gt 
_reflns_shell.number_unique_gt 
_reflns_shell.percent_possible_gt 
_reflns_shell.Rmerge_F_gt 
_reflns_shell.Rmerge_I_gt 
_reflns_shell.pdbx_redundancy 
_reflns_shell.pdbx_Rsym_value 
_reflns_shell.pdbx_chi_squared 
_reflns_shell.pdbx_netI_over_sigmaI_all 
_reflns_shell.pdbx_netI_over_sigmaI_obs 
_reflns_shell.pdbx_Rrim_I_all 
_reflns_shell.pdbx_Rpim_I_all 
_reflns_shell.pdbx_rejects 
_reflns_shell.pdbx_ordinal 
_reflns_shell.pdbx_diffrn_id 
_reflns_shell.pdbx_CC_half 
_reflns_shell.pdbx_CC_star 
_reflns_shell.pdbx_R_split 
_reflns_shell.pdbx_percent_possible_ellipsoidal 
_reflns_shell.pdbx_percent_possible_spherical 
_reflns_shell.pdbx_percent_possible_ellipsoidal_anomalous 
_reflns_shell.pdbx_percent_possible_spherical_anomalous 
_reflns_shell.pdbx_redundancy_anomalous 
_reflns_shell.pdbx_CC_half_anomalous 
_reflns_shell.pdbx_absDiff_over_sigma_anomalous 
_reflns_shell.pdbx_percent_possible_anomalous 
1.290 1.310  ? ? ? ? ? ? 512 100.000 ? ? ? ? 0.562 ? ? ? ? ? ? ? ? 15.200 ? 0.654 ? ? 0.581 0.148 ? 1  1 0.976 ? ? ? ? ? ? ? ? ? ? 
1.310 1.340  ? ? ? ? ? ? 486 100.000 ? ? ? ? 0.501 ? ? ? ? ? ? ? ? 15.500 ? 0.672 ? ? 0.518 0.131 ? 2  1 0.980 ? ? ? ? ? ? ? ? ? ? 
1.340 1.360  ? ? ? ? ? ? 517 100.000 ? ? ? ? 0.440 ? ? ? ? ? ? ? ? 15.700 ? 0.687 ? ? 0.454 0.114 ? 3  1 0.980 ? ? ? ? ? ? ? ? ? ? 
1.360 1.390  ? ? ? ? ? ? 495 100.000 ? ? ? ? 0.377 ? ? ? ? ? ? ? ? 15.800 ? 0.750 ? ? 0.389 0.097 ? 4  1 0.975 ? ? ? ? ? ? ? ? ? ? 
1.390 1.420  ? ? ? ? ? ? 496 100.000 ? ? ? ? 0.304 ? ? ? ? ? ? ? ? 15.800 ? 0.772 ? ? 0.315 0.079 ? 5  1 0.990 ? ? ? ? ? ? ? ? ? ? 
1.420 1.450  ? ? ? ? ? ? 500 100.000 ? ? ? ? 0.244 ? ? ? ? ? ? ? ? 15.700 ? 0.809 ? ? 0.252 0.063 ? 6  1 0.997 ? ? ? ? ? ? ? ? ? ? 
1.450 1.490  ? ? ? ? ? ? 514 100.000 ? ? ? ? 0.192 ? ? ? ? ? ? ? ? 16.000 ? 0.878 ? ? 0.199 0.049 ? 7  1 0.998 ? ? ? ? ? ? ? ? ? ? 
1.490 1.530  ? ? ? ? ? ? 516 100.000 ? ? ? ? 0.146 ? ? ? ? ? ? ? ? 15.700 ? 0.903 ? ? 0.150 0.038 ? 8  1 0.999 ? ? ? ? ? ? ? ? ? ? 
1.530 1.570  ? ? ? ? ? ? 504 100.000 ? ? ? ? 0.155 ? ? ? ? ? ? ? ? 15.700 ? 0.922 ? ? 0.160 0.040 ? 9  1 0.998 ? ? ? ? ? ? ? ? ? ? 
1.570 1.630  ? ? ? ? ? ? 499 100.000 ? ? ? ? 0.132 ? ? ? ? ? ? ? ? 16.000 ? 0.982 ? ? 0.136 0.034 ? 10 1 0.997 ? ? ? ? ? ? ? ? ? ? 
1.630 1.680  ? ? ? ? ? ? 512 100.000 ? ? ? ? 0.119 ? ? ? ? ? ? ? ? 15.700 ? 1.049 ? ? 0.123 0.031 ? 11 1 0.997 ? ? ? ? ? ? ? ? ? ? 
1.680 1.750  ? ? ? ? ? ? 517 100.000 ? ? ? ? 0.104 ? ? ? ? ? ? ? ? 15.600 ? 1.148 ? ? 0.108 0.027 ? 12 1 0.998 ? ? ? ? ? ? ? ? ? ? 
1.750 1.830  ? ? ? ? ? ? 514 100.000 ? ? ? ? 0.094 ? ? ? ? ? ? ? ? 15.700 ? 1.208 ? ? 0.097 0.025 ? 13 1 0.998 ? ? ? ? ? ? ? ? ? ? 
1.830 1.930  ? ? ? ? ? ? 505 100.000 ? ? ? ? 0.086 ? ? ? ? ? ? ? ? 15.300 ? 1.416 ? ? 0.089 0.023 ? 14 1 0.997 ? ? ? ? ? ? ? ? ? ? 
1.930 2.050  ? ? ? ? ? ? 517 100.000 ? ? ? ? 0.073 ? ? ? ? ? ? ? ? 15.300 ? 1.406 ? ? 0.076 0.019 ? 15 1 0.999 ? ? ? ? ? ? ? ? ? ? 
2.050 2.210  ? ? ? ? ? ? 522 100.000 ? ? ? ? 0.064 ? ? ? ? ? ? ? ? 15.100 ? 1.463 ? ? 0.066 0.017 ? 16 1 0.999 ? ? ? ? ? ? ? ? ? ? 
2.210 2.430  ? ? ? ? ? ? 520 100.000 ? ? ? ? 0.056 ? ? ? ? ? ? ? ? 15.100 ? 1.421 ? ? 0.058 0.015 ? 17 1 0.999 ? ? ? ? ? ? ? ? ? ? 
2.430 2.780  ? ? ? ? ? ? 534 100.000 ? ? ? ? 0.056 ? ? ? ? ? ? ? ? 14.800 ? 1.474 ? ? 0.057 0.015 ? 18 1 0.999 ? ? ? ? ? ? ? ? ? ? 
2.780 3.500  ? ? ? ? ? ? 531 98.700  ? ? ? ? 0.049 ? ? ? ? ? ? ? ? 14.300 ? 1.308 ? ? 0.051 0.013 ? 19 1 0.999 ? ? ? ? ? ? ? ? ? ? 
3.500 50.000 ? ? ? ? ? ? 558 96.200  ? ? ? ? 0.050 ? ? ? ? ? ? ? ? 13.300 ? 1.373 ? ? 0.052 0.014 ? 20 1 0.999 ? ? ? ? ? ? ? ? ? ? 
# 
_refine.aniso_B[1][1]                            -2.9376 
_refine.aniso_B[1][2]                            0.0000 
_refine.aniso_B[1][3]                            0.0000 
_refine.aniso_B[2][2]                            -2.9376 
_refine.aniso_B[2][3]                            0.0000 
_refine.aniso_B[3][3]                            5.8752 
_refine.B_iso_max                                158.650 
_refine.B_iso_mean                               26.5000 
_refine.B_iso_min                                13.070 
_refine.correlation_coeff_Fo_to_Fc               0.9530 
_refine.correlation_coeff_Fo_to_Fc_free          0.9580 
_refine.details                                  ? 
_refine.diff_density_max                         ? 
_refine.diff_density_max_esd                     ? 
_refine.diff_density_min                         ? 
_refine.diff_density_min_esd                     ? 
_refine.diff_density_rms                         ? 
_refine.diff_density_rms_esd                     ? 
_refine.entry_id                                 7N2Z 
_refine.pdbx_refine_id                           'X-RAY DIFFRACTION' 
_refine.ls_abs_structure_details                 ? 
_refine.ls_abs_structure_Flack                   ? 
_refine.ls_abs_structure_Flack_esd               ? 
_refine.ls_abs_structure_Rogers                  ? 
_refine.ls_abs_structure_Rogers_esd              ? 
_refine.ls_d_res_high                            1.2900 
_refine.ls_d_res_low                             24.0200 
_refine.ls_extinction_coef                       ? 
_refine.ls_extinction_coef_esd                   ? 
_refine.ls_extinction_expression                 ? 
_refine.ls_extinction_method                     ? 
_refine.ls_goodness_of_fit_all                   ? 
_refine.ls_goodness_of_fit_all_esd               ? 
_refine.ls_goodness_of_fit_obs                   ? 
_refine.ls_goodness_of_fit_obs_esd               ? 
_refine.ls_hydrogen_treatment                    ? 
_refine.ls_matrix_type                           ? 
_refine.ls_number_constraints                    ? 
_refine.ls_number_parameters                     ? 
_refine.ls_number_reflns_all                     ? 
_refine.ls_number_reflns_obs                     10267 
_refine.ls_number_reflns_R_free                  507 
_refine.ls_number_reflns_R_work                  ? 
_refine.ls_number_restraints                     ? 
_refine.ls_percent_reflns_obs                    99.8000 
_refine.ls_percent_reflns_R_free                 4.9400 
_refine.ls_R_factor_all                          ? 
_refine.ls_R_factor_obs                          0.1640 
_refine.ls_R_factor_R_free                       0.1720 
_refine.ls_R_factor_R_free_error                 ? 
_refine.ls_R_factor_R_free_error_details         ? 
_refine.ls_R_factor_R_work                       0.1640 
_refine.ls_R_Fsqd_factor_obs                     ? 
_refine.ls_R_I_factor_obs                        ? 
_refine.ls_redundancy_reflns_all                 ? 
_refine.ls_redundancy_reflns_obs                 ? 
_refine.ls_restrained_S_all                      ? 
_refine.ls_restrained_S_obs                      ? 
_refine.ls_shift_over_esd_max                    ? 
_refine.ls_shift_over_esd_mean                   ? 
_refine.ls_structure_factor_coef                 ? 
_refine.ls_weighting_details                     ? 
_refine.ls_weighting_scheme                      ? 
_refine.ls_wR_factor_all                         ? 
_refine.ls_wR_factor_obs                         ? 
_refine.ls_wR_factor_R_free                      ? 
_refine.ls_wR_factor_R_work                      ? 
_refine.occupancy_max                            ? 
_refine.occupancy_min                            ? 
_refine.solvent_model_details                    ? 
_refine.solvent_model_param_bsol                 ? 
_refine.solvent_model_param_ksol                 ? 
_refine.pdbx_R_complete                          ? 
_refine.ls_R_factor_gt                           ? 
_refine.ls_goodness_of_fit_gt                    ? 
_refine.ls_goodness_of_fit_ref                   ? 
_refine.ls_shift_over_su_max                     ? 
_refine.ls_shift_over_su_max_lt                  ? 
_refine.ls_shift_over_su_mean                    ? 
_refine.ls_shift_over_su_mean_lt                 ? 
_refine.pdbx_ls_sigma_I                          ? 
_refine.pdbx_ls_sigma_F                          0.000 
_refine.pdbx_ls_sigma_Fsqd                       ? 
_refine.pdbx_data_cutoff_high_absF               ? 
_refine.pdbx_data_cutoff_high_rms_absF           ? 
_refine.pdbx_data_cutoff_low_absF                ? 
_refine.pdbx_isotropic_thermal_model             ? 
_refine.pdbx_ls_cross_valid_method               THROUGHOUT 
_refine.pdbx_method_to_determine_struct          'MOLECULAR REPLACEMENT' 
_refine.pdbx_starting_model                      6EGL 
_refine.pdbx_stereochemistry_target_values       ? 
_refine.pdbx_R_Free_selection_details            RANDOM 
_refine.pdbx_stereochem_target_val_spec_case     ? 
_refine.pdbx_overall_ESU_R                       ? 
_refine.pdbx_overall_ESU_R_Free                  ? 
_refine.pdbx_solvent_vdw_probe_radii             ? 
_refine.pdbx_solvent_ion_probe_radii             ? 
_refine.pdbx_solvent_shrinkage_radii             ? 
_refine.pdbx_real_space_R                        ? 
_refine.pdbx_density_correlation                 ? 
_refine.pdbx_pd_number_of_powder_patterns        ? 
_refine.pdbx_pd_number_of_points                 ? 
_refine.pdbx_pd_meas_number_of_points            ? 
_refine.pdbx_pd_proc_ls_prof_R_factor            ? 
_refine.pdbx_pd_proc_ls_prof_wR_factor           ? 
_refine.pdbx_pd_Marquardt_correlation_coeff      ? 
_refine.pdbx_pd_Fsqrd_R_factor                   ? 
_refine.pdbx_pd_ls_matrix_band_width             ? 
_refine.pdbx_overall_phase_error                 ? 
_refine.pdbx_overall_SU_R_free_Cruickshank_DPI   0.0450 
_refine.pdbx_overall_SU_R_free_Blow_DPI          0.0520 
_refine.pdbx_overall_SU_R_Blow_DPI               0.0560 
_refine.pdbx_TLS_residual_ADP_flag               ? 
_refine.pdbx_diffrn_id                           1 
_refine.overall_SU_B                             ? 
_refine.overall_SU_ML                            ? 
_refine.overall_SU_R_Cruickshank_DPI             0.0480 
_refine.overall_SU_R_free                        ? 
_refine.overall_FOM_free_R_set                   ? 
_refine.overall_FOM_work_R_set                   ? 
_refine.pdbx_average_fsc_overall                 ? 
_refine.pdbx_average_fsc_work                    ? 
_refine.pdbx_average_fsc_free                    ? 
# 
_refine_analyze.entry_id                        7N2Z 
_refine_analyze.pdbx_refine_id                  'X-RAY DIFFRACTION' 
_refine_analyze.Luzzati_coordinate_error_free   ? 
_refine_analyze.Luzzati_coordinate_error_obs    0.140 
_refine_analyze.Luzzati_d_res_low_free          ? 
_refine_analyze.Luzzati_d_res_low_obs           ? 
_refine_analyze.Luzzati_sigma_a_free            ? 
_refine_analyze.Luzzati_sigma_a_free_details    ? 
_refine_analyze.Luzzati_sigma_a_obs             ? 
_refine_analyze.Luzzati_sigma_a_obs_details     ? 
_refine_analyze.number_disordered_residues      ? 
_refine_analyze.occupancy_sum_hydrogen          ? 
_refine_analyze.occupancy_sum_non_hydrogen      ? 
_refine_analyze.RG_d_res_high                   ? 
_refine_analyze.RG_d_res_low                    ? 
_refine_analyze.RG_free                         ? 
_refine_analyze.RG_work                         ? 
_refine_analyze.RG_free_work_ratio              ? 
_refine_analyze.pdbx_Luzzati_d_res_high_obs     ? 
# 
_refine_hist.pdbx_refine_id                   'X-RAY DIFFRACTION' 
_refine_hist.cycle_id                         final 
_refine_hist.details                          ? 
_refine_hist.d_res_high                       1.2900 
_refine_hist.d_res_low                        24.0200 
_refine_hist.number_atoms_solvent             78 
_refine_hist.number_atoms_total               368 
_refine_hist.number_reflns_all                ? 
_refine_hist.number_reflns_obs                ? 
_refine_hist.number_reflns_R_free             ? 
_refine_hist.number_reflns_R_work             ? 
_refine_hist.R_factor_all                     ? 
_refine_hist.R_factor_obs                     ? 
_refine_hist.R_factor_R_free                  ? 
_refine_hist.R_factor_R_work                  ? 
_refine_hist.pdbx_number_residues_total       36 
_refine_hist.pdbx_B_iso_mean_ligand           16.10 
_refine_hist.pdbx_B_iso_mean_solvent          34.69 
_refine_hist.pdbx_number_atoms_protein        285 
_refine_hist.pdbx_number_atoms_nucleic_acid   0 
_refine_hist.pdbx_number_atoms_ligand         5 
_refine_hist.pdbx_number_atoms_lipid          ? 
_refine_hist.pdbx_number_atoms_carb           ? 
_refine_hist.pdbx_pseudo_atom_details         ? 
# 
loop_
_refine_ls_restr.pdbx_refine_id 
_refine_ls_restr.criterion 
_refine_ls_restr.dev_ideal 
_refine_ls_restr.dev_ideal_target 
_refine_ls_restr.number 
_refine_ls_restr.rejects 
_refine_ls_restr.type 
_refine_ls_restr.weight 
_refine_ls_restr.pdbx_restraint_function 
'X-RAY DIFFRACTION' ? ?      ? 163 ? t_dihedral_angle_d        2.000  SINUSOIDAL   
'X-RAY DIFFRACTION' ? ?      ? ?   ? t_trig_c_planes           ?      ?            
'X-RAY DIFFRACTION' ? ?      ? 73  ? t_gen_planes              5.000  HARMONIC     
'X-RAY DIFFRACTION' ? ?      ? 372 ? t_it                      20.000 HARMONIC     
'X-RAY DIFFRACTION' ? ?      ? 1   ? t_nbd                     5.000  SEMIHARMONIC 
'X-RAY DIFFRACTION' ? ?      ? ?   ? t_improper_torsion        ?      ?            
'X-RAY DIFFRACTION' ? ?      ? ?   ? t_pseud_angle             ?      ?            
'X-RAY DIFFRACTION' ? ?      ? 47  ? t_chiral_improper_torsion 5.000  SEMIHARMONIC 
'X-RAY DIFFRACTION' ? ?      ? ?   ? t_sum_occupancies         ?      ?            
'X-RAY DIFFRACTION' ? ?      ? 4   ? t_utility_distance        1.000  HARMONIC     
'X-RAY DIFFRACTION' ? ?      ? ?   ? t_utility_angle           ?      ?            
'X-RAY DIFFRACTION' ? ?      ? ?   ? t_utility_torsion         ?      ?            
'X-RAY DIFFRACTION' ? ?      ? 546 ? t_ideal_dist_contact      4.000  SEMIHARMONIC 
'X-RAY DIFFRACTION' ? 0.010  ? 372 ? t_bond_d                  2.000  HARMONIC     
'X-RAY DIFFRACTION' ? 1.120  ? 514 ? t_angle_deg               2.000  HARMONIC     
'X-RAY DIFFRACTION' ? 2.170  ? ?   ? t_omega_torsion           ?      ?            
'X-RAY DIFFRACTION' ? 17.960 ? ?   ? t_other_torsion           ?      ?            
# 
_refine_ls_shell.pdbx_refine_id                   'X-RAY DIFFRACTION' 
_refine_ls_shell.d_res_high                       1.2900 
_refine_ls_shell.d_res_low                        1.3100 
_refine_ls_shell.number_reflns_all                411 
_refine_ls_shell.number_reflns_obs                ? 
_refine_ls_shell.number_reflns_R_free             21 
_refine_ls_shell.number_reflns_R_work             390 
_refine_ls_shell.percent_reflns_obs               100.0000 
_refine_ls_shell.percent_reflns_R_free            5.1100 
_refine_ls_shell.R_factor_all                     0.1840 
_refine_ls_shell.R_factor_obs                     ? 
_refine_ls_shell.R_factor_R_free                  0.1790 
_refine_ls_shell.R_factor_R_free_error            0.0000 
_refine_ls_shell.R_factor_R_work                  0.1842 
_refine_ls_shell.redundancy_reflns_all            ? 
_refine_ls_shell.redundancy_reflns_obs            ? 
_refine_ls_shell.wR_factor_all                    ? 
_refine_ls_shell.wR_factor_obs                    ? 
_refine_ls_shell.wR_factor_R_free                 ? 
_refine_ls_shell.wR_factor_R_work                 ? 
_refine_ls_shell.pdbx_R_complete                  ? 
_refine_ls_shell.pdbx_total_number_of_bins_used   25 
_refine_ls_shell.pdbx_phase_error                 ? 
_refine_ls_shell.pdbx_fsc_work                    ? 
_refine_ls_shell.pdbx_fsc_free                    ? 
# 
_struct.entry_id                     7N2Z 
_struct.title                        
;Crystal Structure of a de Novo Three-stranded Coiled Coil Peptide Containing Trigonal Pyrmidal Pb(II) complexes in the dual Tris-thiolate Site
;
_struct.pdbx_model_details           ? 
_struct.pdbx_formula_weight          ? 
_struct.pdbx_formula_weight_method   ? 
_struct.pdbx_model_type_details      ? 
_struct.pdbx_CASP_flag               N 
# 
_struct_keywords.entry_id        7N2Z 
_struct_keywords.text            
;Three-stranded Coiled Coil, 3SCC, Trigonal Pyramidal Lead Complexes, de Novo Protein, Desinged Protein, Heavy Metal Sites in Protein, BIOSYNTHETIC PROTEIN
;
_struct_keywords.pdbx_keywords   'BIOSYNTHETIC PROTEIN' 
# 
loop_
_struct_asym.id 
_struct_asym.pdbx_blank_PDB_chainid_flag 
_struct_asym.pdbx_modified 
_struct_asym.entity_id 
_struct_asym.details 
A N N 1 ? 
B N N 2 ? 
C N N 3 ? 
D N N 3 ? 
E N N 4 ? 
F N N 5 ? 
# 
_struct_conf.conf_type_id            HELX_P 
_struct_conf.id                      HELX_P1 
_struct_conf.pdbx_PDB_helix_id       AA1 
_struct_conf.beg_label_comp_id       GLU 
_struct_conf.beg_label_asym_id       A 
_struct_conf.beg_label_seq_id        1 
_struct_conf.pdbx_beg_PDB_ins_code   ? 
_struct_conf.end_label_comp_id       HIS 
_struct_conf.end_label_asym_id       A 
_struct_conf.end_label_seq_id        35 
_struct_conf.pdbx_end_PDB_ins_code   ? 
_struct_conf.beg_auth_comp_id        GLU 
_struct_conf.beg_auth_asym_id        A 
_struct_conf.beg_auth_seq_id         1 
_struct_conf.end_auth_comp_id        HIS 
_struct_conf.end_auth_asym_id        A 
_struct_conf.end_auth_seq_id         35 
_struct_conf.pdbx_PDB_helix_class    1 
_struct_conf.details                 ? 
_struct_conf.pdbx_PDB_helix_length   35 
# 
_struct_conf_type.id          HELX_P 
_struct_conf_type.criteria    ? 
_struct_conf_type.reference   ? 
# 
loop_
_struct_conn.id 
_struct_conn.conn_type_id 
_struct_conn.pdbx_leaving_atom_flag 
_struct_conn.pdbx_PDB_id 
_struct_conn.ptnr1_label_asym_id 
_struct_conn.ptnr1_label_comp_id 
_struct_conn.ptnr1_label_seq_id 
_struct_conn.ptnr1_label_atom_id 
_struct_conn.pdbx_ptnr1_label_alt_id 
_struct_conn.pdbx_ptnr1_PDB_ins_code 
_struct_conn.pdbx_ptnr1_standard_comp_id 
_struct_conn.ptnr1_symmetry 
_struct_conn.ptnr2_label_asym_id 
_struct_conn.ptnr2_label_comp_id 
_struct_conn.ptnr2_label_seq_id 
_struct_conn.ptnr2_label_atom_id 
_struct_conn.pdbx_ptnr2_label_alt_id 
_struct_conn.pdbx_ptnr2_PDB_ins_code 
_struct_conn.ptnr1_auth_asym_id 
_struct_conn.ptnr1_auth_comp_id 
_struct_conn.ptnr1_auth_seq_id 
_struct_conn.ptnr2_auth_asym_id 
_struct_conn.ptnr2_auth_comp_id 
_struct_conn.ptnr2_auth_seq_id 
_struct_conn.ptnr2_symmetry 
_struct_conn.pdbx_ptnr3_label_atom_id 
_struct_conn.pdbx_ptnr3_label_seq_id 
_struct_conn.pdbx_ptnr3_label_comp_id 
_struct_conn.pdbx_ptnr3_label_asym_id 
_struct_conn.pdbx_ptnr3_label_alt_id 
_struct_conn.pdbx_ptnr3_PDB_ins_code 
_struct_conn.details 
_struct_conn.pdbx_dist_value 
_struct_conn.pdbx_value_order 
_struct_conn.pdbx_role 
metalc1 metalc ? ? A GLU 3  OE1 ? ? ? 1_555 B ZN . ZN ? ? A GLU 3  A ZN 101 4_565 ? ? ? ? ? ? ? 2.009 ? ? 
metalc2 metalc ? ? A GLU 31 OE1 ? ? ? 1_555 B ZN . ZN ? ? A GLU 31 A ZN 101 1_555 ? ? ? ? ? ? ? 1.967 ? ? 
metalc3 metalc ? ? A GLU 34 OE1 ? ? ? 1_555 B ZN . ZN ? ? A GLU 34 A ZN 101 1_555 ? ? ? ? ? ? ? 1.890 ? ? 
metalc4 metalc ? ? A HIS 35 NE2 A ? ? 1_555 B ZN . ZN ? ? A HIS 35 A ZN 101 1_555 ? ? ? ? ? ? ? 1.975 ? ? 
metalc5 metalc ? ? A HIS 35 NE2 B ? ? 1_555 B ZN . ZN ? ? A HIS 35 A ZN 101 1_555 ? ? ? ? ? ? ? 1.995 ? ? 
# 
_struct_conn_type.id          metalc 
_struct_conn_type.criteria    ? 
_struct_conn_type.reference   ? 
# 
_atom_sites.entry_id                    7N2Z 
_atom_sites.Cartn_transf_matrix[1][1]   ? 
_atom_sites.Cartn_transf_matrix[1][2]   ? 
_atom_sites.Cartn_transf_matrix[1][3]   ? 
_atom_sites.Cartn_transf_matrix[2][1]   ? 
_atom_sites.Cartn_transf_matrix[2][2]   ? 
_atom_sites.Cartn_transf_matrix[2][3]   ? 
_atom_sites.Cartn_transf_matrix[3][1]   ? 
_atom_sites.Cartn_transf_matrix[3][2]   ? 
_atom_sites.Cartn_transf_matrix[3][3]   ? 
_atom_sites.Cartn_transf_vector[1]      ? 
_atom_sites.Cartn_transf_vector[2]      ? 
_atom_sites.Cartn_transf_vector[3]      ? 
_atom_sites.fract_transf_matrix[1][1]   0.01673385 
_atom_sites.fract_transf_matrix[1][2]   -0.01520457 
_atom_sites.fract_transf_matrix[1][3]   0.02014653 
_atom_sites.fract_transf_matrix[2][1]   0.02769164 
_atom_sites.fract_transf_matrix[2][2]   -0.00966669 
_atom_sites.fract_transf_matrix[2][3]   -0.00753581 
_atom_sites.fract_transf_matrix[3][1]   0.00278286 
_atom_sites.fract_transf_matrix[3][2]   0.00615351 
_atom_sites.fract_transf_matrix[3][3]   0.00233259 
_atom_sites.fract_transf_vector[1]      -0.179969 
_atom_sites.fract_transf_vector[2]      0.381063 
_atom_sites.fract_transf_vector[3]      0.026040 
_atom_sites.solution_primary            ? 
_atom_sites.solution_secondary          ? 
_atom_sites.solution_hydrogens          ? 
_atom_sites.special_details             ? 
# 
loop_
_atom_type.symbol 
C  
CL 
N  
O  
PB 
S  
ZN 
# 
loop_
_atom_site.group_PDB 
_atom_site.id 
_atom_site.type_symbol 
_atom_site.label_atom_id 
_atom_site.label_alt_id 
_atom_site.label_comp_id 
_atom_site.label_asym_id 
_atom_site.label_entity_id 
_atom_site.label_seq_id 
_atom_site.pdbx_PDB_ins_code 
_atom_site.Cartn_x 
_atom_site.Cartn_y 
_atom_site.Cartn_z 
_atom_site.occupancy 
_atom_site.B_iso_or_equiv 
_atom_site.pdbx_formal_charge 
_atom_site.auth_seq_id 
_atom_site.auth_comp_id 
_atom_site.auth_asym_id 
_atom_site.auth_atom_id 
_atom_site.pdbx_PDB_model_num 
ATOM   1   N  N   . GLU A 1 1  ? -2.799  -19.350 -15.085 1.00 38.44  ?  1   GLU A N   1 
ATOM   2   C  CA  . GLU A 1 1  ? -3.861  -20.306 -14.788 1.00 35.58  ?  1   GLU A CA  1 
ATOM   3   C  C   . GLU A 1 1  ? -4.632  -19.947 -13.506 1.00 29.26  ?  1   GLU A C   1 
ATOM   4   O  O   . GLU A 1 1  ? -4.696  -18.766 -13.156 1.00 27.33  ?  1   GLU A O   1 
ATOM   5   C  CB  . GLU A 1 1  ? -3.350  -21.759 -14.777 1.00 37.42  ?  1   GLU A CB  1 
ATOM   6   C  CG  . GLU A 1 1  ? -2.317  -22.067 -13.715 1.00 51.85  ?  1   GLU A CG  1 
ATOM   7   C  CD  . GLU A 1 1  ? -1.757  -23.466 -13.816 1.00 62.86  ?  1   GLU A CD  1 
ATOM   8   O  OE1 . GLU A 1 1  ? -2.398  -24.313 -14.481 1.00 27.60  ?  1   GLU A OE1 1 
ATOM   9   O  OE2 . GLU A 1 1  ? -0.684  -23.718 -13.224 1.00 63.10  ?  1   GLU A OE2 1 
ATOM   10  N  N   . TRP A 1 2  ? -5.548  -20.819 -13.100 1.00 23.55  ?  2   TRP A N   1 
ATOM   11  C  CA  A TRP A 1 2  ? -6.313  -20.451 -11.907 0.50 23.50  ?  2   TRP A CA  1 
ATOM   12  C  CA  B TRP A 1 2  ? -6.319  -20.495 -11.910 0.50 20.83  ?  2   TRP A CA  1 
ATOM   13  C  C   . TRP A 1 2  ? -5.440  -20.240 -10.682 1.00 21.23  ?  2   TRP A C   1 
ATOM   14  O  O   . TRP A 1 2  ? -5.559  -19.199 -10.014 1.00 18.68  ?  2   TRP A O   1 
ATOM   15  C  CB  A TRP A 1 2  ? -7.451  -21.426 -11.618 0.50 24.04  ?  2   TRP A CB  1 
ATOM   16  C  CB  B TRP A 1 2  ? -7.353  -21.582 -11.650 0.50 19.00  ?  2   TRP A CB  1 
ATOM   17  C  CG  A TRP A 1 2  ? -8.415  -20.927 -10.580 0.30 25.98  ?  2   TRP A CG  1 
ATOM   18  C  CG  B TRP A 1 2  ? -7.944  -21.530 -10.282 0.40 18.41  ?  2   TRP A CG  1 
ATOM   19  C  CD1 A TRP A 1 2  ? -9.245  -19.848 -10.680 0.30 29.10  ?  2   TRP A CD1 1 
ATOM   20  C  CD1 B TRP A 1 2  ? -7.661  -22.366 -9.245  0.40 21.06  ?  2   TRP A CD1 1 
ATOM   21  C  CD2 A TRP A 1 2  ? -8.636  -21.485 -9.282  0.30 26.46  ?  2   TRP A CD2 1 
ATOM   22  C  CD2 B TRP A 1 2  ? -8.741  -20.477 -9.742  0.40 18.61  ?  2   TRP A CD2 1 
ATOM   23  N  NE1 A TRP A 1 2  ? -9.985  -19.712 -9.527  0.30 28.89  ?  2   TRP A NE1 1 
ATOM   24  N  NE1 B TRP A 1 2  ? -8.325  -21.954 -8.115  0.40 20.57  ?  2   TRP A NE1 1 
ATOM   25  C  CE2 A TRP A 1 2  ? -9.630  -20.703 -8.651  0.30 30.42  ?  2   TRP A CE2 1 
ATOM   26  C  CE2 B TRP A 1 2  ? -9.002  -20.798 -8.394  0.40 21.31  ?  2   TRP A CE2 1 
ATOM   27  C  CE3 A TRP A 1 2  ? -8.135  -22.608 -8.607  0.30 28.28  ?  2   TRP A CE3 1 
ATOM   28  C  CE3 B TRP A 1 2  ? -9.339  -19.330 -10.291 0.40 20.28  ?  2   TRP A CE3 1 
ATOM   29  C  CZ2 A TRP A 1 2  ? -10.125 -21.006 -7.378  0.30 30.06  ?  2   TRP A CZ2 1 
ATOM   30  C  CZ2 B TRP A 1 2  ? -9.843  -20.023 -7.590  0.30 21.19  ?  2   TRP A CZ2 1 
ATOM   31  C  CZ3 A TRP A 1 2  ? -8.611  -22.892 -7.338  0.30 30.01  ?  2   TRP A CZ3 1 
ATOM   32  C  CZ3 B TRP A 1 2  ? -10.174 -18.565 -9.488  0.40 21.17  ?  2   TRP A CZ3 1 
ATOM   33  C  CH2 A TRP A 1 2  ? -9.605  -22.107 -6.742  0.30 30.70  ?  2   TRP A CH2 1 
ATOM   34  C  CH2 B TRP A 1 2  ? -10.388 -18.894 -8.147  0.30 21.72  ?  2   TRP A CH2 1 
ATOM   35  N  N   . GLU A 1 3  ? -4.548  -21.187 -10.380 1.00 18.96  ?  3   GLU A N   1 
ATOM   36  C  CA  . GLU A 1 3  ? -3.703  -21.042 -9.210  1.00 18.11  ?  3   GLU A CA  1 
ATOM   37  C  C   . GLU A 1 3  ? -2.790  -19.865 -9.328  1.00 20.48  ?  3   GLU A C   1 
ATOM   38  O  O   . GLU A 1 3  ? -2.566  -19.169 -8.321  1.00 20.23  ?  3   GLU A O   1 
ATOM   39  C  CB  . GLU A 1 3  ? -2.958  -22.340 -8.960  1.00 18.43  ?  3   GLU A CB  1 
ATOM   40  C  CG  . GLU A 1 3  ? -3.942  -23.398 -8.529  1.00 21.05  ?  3   GLU A CG  1 
ATOM   41  C  CD  . GLU A 1 3  ? -3.300  -24.709 -8.141  0.80 17.02  ?  3   GLU A CD  1 
ATOM   42  O  OE1 . GLU A 1 3  ? -2.217  -24.660 -7.511  0.80 15.59  ?  3   GLU A OE1 1 
ATOM   43  O  OE2 . GLU A 1 3  ? -3.866  -25.775 -8.459  0.80 17.27  ?  3   GLU A OE2 1 
ATOM   44  N  N   . ALA A 1 4  ? -2.309  -19.572 -10.539 1.00 20.33  ?  4   ALA A N   1 
ATOM   45  C  CA  . ALA A 1 4  ? -1.445  -18.412 -10.737 1.00 22.11  ?  4   ALA A CA  1 
ATOM   46  C  C   . ALA A 1 4  ? -2.255  -17.120 -10.523 1.00 23.53  ?  4   ALA A C   1 
ATOM   47  O  O   . ALA A 1 4  ? -1.706  -16.171 -9.964  1.00 22.43  ?  4   ALA A O   1 
ATOM   48  C  CB  . ALA A 1 4  ? -0.837  -18.437 -12.122 1.00 23.75  ?  4   ALA A CB  1 
ATOM   49  N  N   . LEU A 1 5  ? -3.518  -17.071 -10.950 1.00 21.03  ?  5   LEU A N   1 
ATOM   50  C  CA  A LEU A 1 5  ? -4.389  -15.902 -10.748 0.50 22.19  ?  5   LEU A CA  1 
ATOM   51  C  CA  B LEU A 1 5  ? -4.328  -15.881 -10.745 0.50 20.47  ?  5   LEU A CA  1 
ATOM   52  C  C   . LEU A 1 5  ? -4.609  -15.676 -9.244  1.00 21.51  ?  5   LEU A C   1 
ATOM   53  O  O   . LEU A 1 5  ? -4.545  -14.525 -8.754  1.00 19.58  ?  5   LEU A O   1 
ATOM   54  C  CB  A LEU A 1 5  ? -5.734  -16.084 -11.467 0.50 24.19  ?  5   LEU A CB  1 
ATOM   55  C  CB  B LEU A 1 5  ? -5.605  -15.947 -11.563 0.50 21.00  ?  5   LEU A CB  1 
ATOM   56  C  CG  A LEU A 1 5  ? -5.758  -15.673 -12.940 0.50 31.03  ?  5   LEU A CG  1 
ATOM   57  C  CG  B LEU A 1 5  ? -6.381  -14.647 -11.577 0.50 24.03  ?  5   LEU A CG  1 
ATOM   58  C  CD1 A LEU A 1 5  ? -6.780  -16.455 -13.689 0.50 32.33  ?  5   LEU A CD1 1 
ATOM   59  C  CD1 B LEU A 1 5  ? -6.991  -14.378 -12.914 0.50 24.44  ?  5   LEU A CD1 1 
ATOM   60  C  CD2 A LEU A 1 5  ? -6.065  -14.188 -13.096 0.50 33.34  ?  5   LEU A CD2 1 
ATOM   61  C  CD2 B LEU A 1 5  ? -7.366  -14.599 -10.472 0.50 27.51  ?  5   LEU A CD2 1 
ATOM   62  N  N   . GLU A 1 6  ? -4.879  -16.743 -8.487  1.00 19.02  ?  6   GLU A N   1 
ATOM   63  C  CA  . GLU A 1 6  ? -5.092  -16.615 -7.040  1.00 18.66  ?  6   GLU A CA  1 
ATOM   64  C  C   . GLU A 1 6  ? -3.881  -15.991 -6.384  1.00 19.30  ?  6   GLU A C   1 
ATOM   65  O  O   . GLU A 1 6  ? -4.000  -15.085 -5.528  1.00 19.63  ?  6   GLU A O   1 
ATOM   66  C  CB  . GLU A 1 6  ? -5.325  -17.953 -6.347  1.00 20.21  ?  6   GLU A CB  1 
ATOM   67  C  CG  . GLU A 1 6  ? -6.586  -18.664 -6.751  0.80 23.18  ?  6   GLU A CG  1 
ATOM   68  C  CD  . GLU A 1 6  ? -6.770  -19.951 -5.963  0.80 28.32  ?  6   GLU A CD  1 
ATOM   69  O  OE1 . GLU A 1 6  ? -5.935  -20.878 -6.078  0.80 25.59  ?  6   GLU A OE1 1 
ATOM   70  O  OE2 . GLU A 1 6  ? -7.763  -20.021 -5.213  0.80 31.52  ?  6   GLU A OE2 1 
ATOM   71  N  N   . LYS A 1 7  ? -2.706  -16.477 -6.738  1.00 18.45  ?  7   LYS A N   1 
ATOM   72  C  CA  . LYS A 1 7  ? -1.479  -15.955 -6.146  1.00 19.66  ?  7   LYS A CA  1 
ATOM   73  C  C   . LYS A 1 7  ? -1.229  -14.526 -6.574  1.00 19.94  ?  7   LYS A C   1 
ATOM   74  O  O   . LYS A 1 7  ? -0.765  -13.731 -5.762  1.00 19.52  ?  7   LYS A O   1 
ATOM   75  C  CB  . LYS A 1 7  ? -0.286  -16.851 -6.479  1.00 21.71  ?  7   LYS A CB  1 
ATOM   76  C  CG  . LYS A 1 7  ? -0.246  -18.141 -5.658  1.00 23.29  ?  7   LYS A CG  1 
ATOM   77  C  CD  . LYS A 1 7  ? 0.889   -19.102 -6.134  1.00 31.82  ?  7   LYS A CD  1 
ATOM   78  C  CE  . LYS A 1 7  ? 2.311   -18.643 -5.881  1.00 47.40  ?  7   LYS A CE  1 
ATOM   79  N  NZ  . LYS A 1 7  ? 2.670   -18.704 -4.444  1.00 47.97  ?  7   LYS A NZ  1 
ATOM   80  N  N   . LYS A 1 8  ? -1.538  -14.172 -7.845  1.00 18.98  ?  8   LYS A N   1 
ATOM   81  C  CA  A LYS A 1 8  ? -1.365  -12.800 -8.345  0.50 19.16  ?  8   LYS A CA  1 
ATOM   82  C  CA  B LYS A 1 8  ? -1.366  -12.804 -8.370  0.50 19.10  ?  8   LYS A CA  1 
ATOM   83  C  C   . LYS A 1 8  ? -2.268  -11.839 -7.579  1.00 19.48  ?  8   LYS A C   1 
ATOM   84  O  O   . LYS A 1 8  ? -1.829  -10.745 -7.215  1.00 18.47  ?  8   LYS A O   1 
ATOM   85  C  CB  A LYS A 1 8  ? -1.690  -12.724 -9.841  0.50 21.03  ?  8   LYS A CB  1 
ATOM   86  C  CB  B LYS A 1 8  ? -1.725  -12.763 -9.873  0.50 20.75  ?  8   LYS A CB  1 
ATOM   87  C  CG  A LYS A 1 8  ? -0.497  -13.036 -10.712 0.50 25.70  ?  8   LYS A CG  1 
ATOM   88  C  CG  B LYS A 1 8  ? -1.376  -11.465 -10.610 0.50 21.32  ?  8   LYS A CG  1 
ATOM   89  C  CD  A LYS A 1 8  ? -0.896  -13.311 -12.159 0.50 34.92  ?  8   LYS A CD  1 
ATOM   90  C  CD  B LYS A 1 8  ? -1.636  -11.598 -12.135 0.50 27.39  ?  8   LYS A CD  1 
ATOM   91  C  CE  A LYS A 1 8  ? 0.302   -13.605 -13.033 0.50 39.35  ?  8   LYS A CE  1 
ATOM   92  C  CE  B LYS A 1 8  ? -1.390  -10.324 -12.920 0.50 30.06  ?  8   LYS A CE  1 
ATOM   93  N  NZ  A LYS A 1 8  ? 1.113   -14.760 -12.541 0.50 32.99  ?  8   LYS A NZ  1 
ATOM   94  N  NZ  B LYS A 1 8  ? -1.800  -10.436 -14.355 0.50 27.20  ?  8   LYS A NZ  1 
ATOM   95  N  N   . LEU A 1 9  ? -3.513  -12.222 -7.334  1.00 17.04  ?  9   LEU A N   1 
ATOM   96  C  CA  . LEU A 1 9  ? -4.438  -11.388 -6.584  1.00 18.54  ?  9   LEU A CA  1 
ATOM   97  C  C   . LEU A 1 9  ? -3.935  -11.194 -5.157  1.00 19.43  ?  9   LEU A C   1 
ATOM   98  O  O   . LEU A 1 9  ? -3.918  -10.047 -4.665  1.00 18.86  ?  9   LEU A O   1 
ATOM   99  C  CB  . LEU A 1 9  ? -5.821  -11.989 -6.629  1.00 19.51  ?  9   LEU A CB  1 
ATOM   100 C  CG  . LEU A 1 9  ? -6.849  -11.251 -5.793  1.00 23.34  ?  9   LEU A CG  1 
ATOM   101 C  CD1 . LEU A 1 9  ? -6.992  -9.765  -6.230  1.00 24.32  ?  9   LEU A CD1 1 
ATOM   102 C  CD2 . LEU A 1 9  ? -8.176  -11.949 -5.867  1.00 25.61  ?  9   LEU A CD2 1 
ATOM   103 N  N   . ALA A 1 10 ? -3.455  -12.257 -4.487  1.00 18.31  ?  10  ALA A N   1 
ATOM   104 C  CA  . ALA A 1 10 ? -2.922  -12.111 -3.129  1.00 18.70  ?  10  ALA A CA  1 
ATOM   105 C  C   . ALA A 1 10 ? -1.691  -11.215 -3.117  1.00 19.15  ?  10  ALA A C   1 
ATOM   106 O  O   . ALA A 1 10 ? -1.538  -10.375 -2.212  1.00 18.99  ?  10  ALA A O   1 
ATOM   107 C  CB  . ALA A 1 10 ? -2.594  -13.478 -2.535  1.00 20.59  ?  10  ALA A CB  1 
ATOM   108 N  N   . ALA A 1 11 ? -0.814  -11.332 -4.108  1.00 17.60  ?  11  ALA A N   1 
ATOM   109 C  CA  . ALA A 1 11 ? 0.374   -10.476 -4.150  1.00 19.19  ?  11  ALA A CA  1 
ATOM   110 C  C   . ALA A 1 11 ? -0.009  -9.022  -4.375  1.00 19.64  ?  11  ALA A C   1 
ATOM   111 O  O   . ALA A 1 11 ? 0.584   -8.131  -3.756  1.00 20.25  ?  11  ALA A O   1 
ATOM   112 C  CB  . ALA A 1 11 ? 1.332   -10.935 -5.219  1.00 20.81  ?  11  ALA A CB  1 
ATOM   113 N  N   . LEU A 1 12 ? -0.997  -8.768  -5.230  1.00 17.88  ?  12  LEU A N   1 
ATOM   114 C  CA  . LEU A 1 12 ? -1.473  -7.394  -5.443  1.00 18.31  ?  12  LEU A CA  1 
ATOM   115 C  C   . LEU A 1 12 ? -2.123  -6.837  -4.168  1.00 18.24  ?  12  LEU A C   1 
ATOM   116 O  O   . LEU A 1 12 ? -1.869  -5.663  -3.831  1.00 18.66  ?  12  LEU A O   1 
ATOM   117 C  CB  . LEU A 1 12 ? -2.419  -7.370  -6.619  1.00 18.63  ?  12  LEU A CB  1 
ATOM   118 C  CG  . LEU A 1 12 ? -2.875  -5.967  -6.995  1.00 22.99  ?  12  LEU A CG  1 
ATOM   119 C  CD1 . LEU A 1 12 ? -1.695  -5.042  -7.317  1.00 23.96  ?  12  LEU A CD1 1 
ATOM   120 C  CD2 . LEU A 1 12 ? -3.779  -6.042  -8.169  1.00 25.63  ?  12  LEU A CD2 1 
ATOM   121 N  N   . GLU A 1 13 ? -2.918  -7.614  -3.449  1.00 17.89  ?  13  GLU A N   1 
ATOM   122 C  CA  A GLU A 1 13 ? -3.536  -7.175  -2.196  0.50 17.93  ?  13  GLU A CA  1 
ATOM   123 C  CA  B GLU A 1 13 ? -3.533  -7.154  -2.214  0.50 18.44  ?  13  GLU A CA  1 
ATOM   124 C  C   . GLU A 1 13 ? -2.452  -6.733  -1.223  1.00 19.63  ?  13  GLU A C   1 
ATOM   125 O  O   . GLU A 1 13 ? -2.560  -5.668  -0.585  1.00 19.02  ?  13  GLU A O   1 
ATOM   126 C  CB  A GLU A 1 13 ? -4.328  -8.319  -1.570  0.50 18.96  ?  13  GLU A CB  1 
ATOM   127 C  CB  B GLU A 1 13 ? -4.384  -8.269  -1.622  0.50 19.94  ?  13  GLU A CB  1 
ATOM   128 C  CG  A GLU A 1 13 ? -5.657  -8.604  -2.248  0.50 19.59  ?  13  GLU A CG  1 
ATOM   129 C  CG  B GLU A 1 13 ? -5.266  -7.801  -0.486  0.50 28.51  ?  13  GLU A CG  1 
ATOM   130 C  CD  A GLU A 1 13 ? -6.363  -9.862  -1.772  0.50 33.93  ?  13  GLU A CD  1 
ATOM   131 C  CD  B GLU A 1 13 ? -6.149  -8.896  0.068   0.50 49.00  ?  13  GLU A CD  1 
ATOM   132 O  OE1 A GLU A 1 13 ? -5.678  -10.897 -1.602  0.50 27.06  ?  13  GLU A OE1 1 
ATOM   133 O  OE1 B GLU A 1 13 ? -5.663  -9.679  0.913   0.50 52.01  ?  13  GLU A OE1 1 
ATOM   134 O  OE2 A GLU A 1 13 ? -7.601  -9.825  -1.597  0.50 25.52  ?  13  GLU A OE2 1 
ATOM   135 O  OE2 B GLU A 1 13 ? -7.328  -8.971  -0.346  0.50 41.21  ?  13  GLU A OE2 1 
ATOM   136 N  N   . SER A 1 14 ? -1.380  -7.499  -1.132  1.00 18.67  ?  14  SER A N   1 
ATOM   137 C  CA  . SER A 1 14 ? -0.309  -7.164  -0.206  1.00 18.01  ?  14  SER A CA  1 
ATOM   138 C  C   . SER A 1 14 ? 0.467   -5.927  -0.683  1.00 22.37  ?  14  SER A C   1 
ATOM   139 O  O   . SER A 1 14 ? 0.836   -5.078  0.160   1.00 21.81  ?  14  SER A O   1 
ATOM   140 C  CB  . SER A 1 14 ? 0.592   -8.368  0.056   1.00 17.91  ?  14  SER A CB  1 
ATOM   141 O  OG  . SER A 1 14 ? -0.042  -9.363  0.846   1.00 16.09  ?  14  SER A OG  1 
ATOM   142 N  N   . LYS A 1 15 ? 0.699   -5.775  -1.991  1.00 19.30  ?  15  LYS A N   1 
ATOM   143 C  CA  . LYS A 1 15 ? 1.398   -4.608  -2.555  1.00 20.40  ?  15  LYS A CA  1 
ATOM   144 C  C   . LYS A 1 15 ? 0.580   -3.334  -2.247  1.00 20.70  ?  15  LYS A C   1 
ATOM   145 O  O   . LYS A 1 15 ? 1.146   -2.303  -1.855  1.00 20.38  ?  15  LYS A O   1 
ATOM   146 C  CB  . LYS A 1 15 ? 1.576   -4.783  -4.077  1.00 24.66  ?  15  LYS A CB  1 
ATOM   147 C  CG  . LYS A 1 15 ? 2.302   -3.645  -4.753  1.00 38.12  ?  15  LYS A CG  1 
ATOM   148 C  CD  . LYS A 1 15 ? 2.685   -4.037  -6.167  1.00 54.68  ?  15  LYS A CD  1 
ATOM   149 C  CE  . LYS A 1 15 ? 3.414   -2.933  -6.886  1.00 70.89  ?  15  LYS A CE  1 
ATOM   150 N  NZ  . LYS A 1 15 ? 4.091   -3.440  -8.107  1.00 83.00  ?  15  LYS A NZ  1 
ATOM   151 N  N   . CYS A 1 16 ? -0.715  -3.374  -2.410  1.00 18.02  ?  16  CYS A N   1 
ATOM   152 C  CA  A CYS A 1 16 ? -1.584  -2.235  -2.104  0.44 19.30  ?  16  CYS A CA  1 
ATOM   153 C  CA  B CYS A 1 16 ? -1.605  -2.221  -2.167  0.44 16.85  ?  16  CYS A CA  1 
ATOM   154 C  C   . CYS A 1 16 ? -1.621  -1.889  -0.671  1.00 20.74  ?  16  CYS A C   1 
ATOM   155 O  O   . CYS A 1 16 ? -1.612  -0.704  -0.323  1.00 20.05  ?  16  CYS A O   1 
ATOM   156 C  CB  A CYS A 1 16 ? -2.975  -2.503  -2.626  0.44 20.65  ?  16  CYS A CB  1 
ATOM   157 C  CB  B CYS A 1 16 ? -3.014  -2.483  -2.710  0.44 15.56  ?  16  CYS A CB  1 
ATOM   158 S  SG  A CYS A 1 16 ? -2.986  -2.779  -4.386  0.44 25.10  ?  16  CYS A SG  1 
ATOM   159 S  SG  B CYS A 1 16 ? -3.998  -0.983  -3.087  0.44 18.16  ?  16  CYS A SG  1 
ATOM   160 N  N   . GLN A 1 17 ? -1.652  -2.908  0.214   1.00 19.16  ?  17  GLN A N   1 
ATOM   161 C  CA  A GLN A 1 17 ? -1.624  -2.669  1.662   0.50 19.21  ?  17  GLN A CA  1 
ATOM   162 C  CA  B GLN A 1 17 ? -1.635  -2.683  1.654   0.50 19.29  ?  17  GLN A CA  1 
ATOM   163 C  C   . GLN A 1 17 ? -0.304  -1.980  2.011   1.00 21.13  ?  17  GLN A C   1 
ATOM   164 O  O   . GLN A 1 17 ? -0.287  -1.033  2.815   1.00 20.60  ?  17  GLN A O   1 
ATOM   165 C  CB  A GLN A 1 17 ? -1.711  -3.991  2.441   0.50 20.96  ?  17  GLN A CB  1 
ATOM   166 C  CB  B GLN A 1 17 ? -1.747  -4.042  2.364   0.50 21.12  ?  17  GLN A CB  1 
ATOM   167 C  CG  A GLN A 1 17 ? -3.112  -4.549  2.503   0.50 24.18  ?  17  GLN A CG  1 
ATOM   168 C  CG  B GLN A 1 17 ? -1.883  -3.958  3.870   0.50 26.20  ?  17  GLN A CG  1 
ATOM   169 C  CD  A GLN A 1 17 ? -3.209  -5.845  3.263   0.50 45.38  ?  17  GLN A CD  1 
ATOM   170 C  CD  B GLN A 1 17 ? -2.432  -5.227  4.481   0.50 48.35  ?  17  GLN A CD  1 
ATOM   171 O  OE1 A GLN A 1 17 ? -3.693  -5.891  4.396   0.50 48.31  ?  17  GLN A OE1 1 
ATOM   172 O  OE1 B GLN A 1 17 ? -1.994  -6.347  4.181   0.50 40.17  ?  17  GLN A OE1 1 
ATOM   173 N  NE2 A GLN A 1 17 ? -2.771  -6.930  2.653   0.50 35.79  ?  17  GLN A NE2 1 
ATOM   174 N  NE2 B GLN A 1 17 ? -3.388  -5.076  5.384   0.50 44.84  ?  17  GLN A NE2 1 
ATOM   175 N  N   . ALA A 1 18 ? 0.812   -2.433  1.426   1.00 18.25  ?  18  ALA A N   1 
ATOM   176 C  CA  . ALA A 1 18 ? 2.124   -1.821  1.704   1.00 18.19  ?  18  ALA A CA  1 
ATOM   177 C  C   . ALA A 1 18 ? 2.150   -0.382  1.199   1.00 18.65  ?  18  ALA A C   1 
ATOM   178 O  O   . ALA A 1 18 ? 2.700   0.497   1.888   1.00 18.03  ?  18  ALA A O   1 
ATOM   179 C  CB  . ALA A 1 18 ? 3.216   -2.605  1.040   1.00 19.38  ?  18  ALA A CB  1 
ATOM   180 N  N   . LEU A 1 19 ? 1.547   -0.098  0.039   1.00 16.93  ?  19  LEU A N   1 
ATOM   181 C  CA  . LEU A 1 19 ? 1.498   1.262   -0.502  1.00 18.24  ?  19  LEU A CA  1 
ATOM   182 C  C   . LEU A 1 19 ? 0.645   2.146   0.393   1.00 17.49  ?  19  LEU A C   1 
ATOM   183 O  O   . LEU A 1 19 ? 1.072   3.278   0.688   1.00 18.10  ?  19  LEU A O   1 
ATOM   184 C  CB  . LEU A 1 19 ? 1.001   1.265   -1.947  1.00 18.99  ?  19  LEU A CB  1 
ATOM   185 C  CG  . LEU A 1 19 ? 1.038   2.648   -2.620  1.00 23.88  ?  19  LEU A CG  1 
ATOM   186 C  CD1 . LEU A 1 19 ? 2.425   3.317   -2.584  1.00 25.55  ?  19  LEU A CD1 1 
ATOM   187 C  CD2 . LEU A 1 19 ? 0.523   2.570   -4.033  1.00 26.61  ?  19  LEU A CD2 1 
ATOM   188 N  N   . GLU A 1 20 ? -0.448  1.668   0.924   1.00 17.33  ?  20  GLU A N   1 
ATOM   189 C  CA  . GLU A 1 20 ? -1.297  2.442   1.813   1.00 19.32  ?  20  GLU A CA  1 
ATOM   190 C  C   . GLU A 1 20 ? -0.492  2.882   3.048   1.00 20.17  ?  20  GLU A C   1 
ATOM   191 O  O   . GLU A 1 20 ? -0.561  4.061   3.456   1.00 19.79  ?  20  GLU A O   1 
ATOM   192 C  CB  . GLU A 1 20 ? -2.502  1.596   2.238   1.00 21.97  ?  20  GLU A CB  1 
ATOM   193 C  CG  . GLU A 1 20 ? -3.504  2.326   3.115   1.00 35.20  ?  20  GLU A CG  1 
ATOM   194 C  CD  . GLU A 1 20 ? -4.693  1.480   3.527   1.00 66.06  ?  20  GLU A CD  1 
ATOM   195 O  OE1 . GLU A 1 20 ? -4.561  0.234   3.557   1.00 60.96  ?  20  GLU A OE1 1 
ATOM   196 O  OE2 . GLU A 1 20 ? -5.756  2.066   3.833   1.00 67.93  ?  20  GLU A OE2 1 
ATOM   197 N  N   . LYS A 1 21 ? 0.309   1.982   3.607   1.00 18.30  ?  21  LYS A N   1 
ATOM   198 C  CA  A LYS A 1 21 ? 1.137   2.313   4.766   0.50 19.06  ?  21  LYS A CA  1 
ATOM   199 C  CA  B LYS A 1 21 ? 1.142   2.310   4.759   0.50 18.52  ?  21  LYS A CA  1 
ATOM   200 C  C   . LYS A 1 21 ? 2.227   3.318   4.389   1.00 19.04  ?  21  LYS A C   1 
ATOM   201 O  O   . LYS A 1 21 ? 2.495   4.254   5.155   1.00 18.49  ?  21  LYS A O   1 
ATOM   202 C  CB  A LYS A 1 21 ? 1.722   1.056   5.406   0.50 21.99  ?  21  LYS A CB  1 
ATOM   203 C  CB  B LYS A 1 21 ? 1.710   1.053   5.399   0.50 20.10  ?  21  LYS A CB  1 
ATOM   204 C  CG  A LYS A 1 21 ? 0.676   0.290   6.214   0.50 41.44  ?  21  LYS A CG  1 
ATOM   205 C  CG  B LYS A 1 21 ? 0.593   0.230   6.029   0.50 20.81  ?  21  LYS A CG  1 
ATOM   206 C  CD  A LYS A 1 21 ? 1.218   -1.008  6.778   0.50 54.55  ?  21  LYS A CD  1 
ATOM   207 C  CD  B LYS A 1 21 ? 1.081   -1.043  6.686   0.50 26.97  ?  21  LYS A CD  1 
ATOM   208 C  CE  A LYS A 1 21 ? 1.235   -1.001  8.285   0.50 67.70  ?  21  LYS A CE  1 
ATOM   209 C  CE  B LYS A 1 21 ? -0.067  -1.809  7.293   0.50 33.60  ?  21  LYS A CE  1 
ATOM   210 N  NZ  A LYS A 1 21 ? 2.085   -2.093  8.826   0.50 76.21  ?  21  LYS A NZ  1 
ATOM   211 N  NZ  B LYS A 1 21 ? 0.415   -3.021  8.003   0.50 48.07  ?  21  LYS A NZ  1 
ATOM   212 N  N   . LYS A 1 22 ? 2.823   3.187   3.198   1.00 17.10  ?  22  LYS A N   1 
ATOM   213 C  CA  . LYS A 1 22 ? 3.854   4.143   2.752   1.00 17.31  ?  22  LYS A CA  1 
ATOM   214 C  C   . LYS A 1 22 ? 3.223   5.519   2.609   1.00 17.12  ?  22  LYS A C   1 
ATOM   215 O  O   . LYS A 1 22 ? 3.826   6.544   3.009   1.00 17.13  ?  22  LYS A O   1 
ATOM   216 C  CB  . LYS A 1 22 ? 4.431   3.707   1.419   1.00 19.73  ?  22  LYS A CB  1 
ATOM   217 C  CG  . LYS A 1 22 ? 5.464   2.588   1.510   1.00 22.68  ?  22  LYS A CG  1 
ATOM   218 C  CD  . LYS A 1 22 ? 6.144   2.417   0.148   1.00 27.58  ?  22  LYS A CD  1 
ATOM   219 C  CE  . LYS A 1 22 ? 6.463   0.981   -0.159  1.00 44.04  ?  22  LYS A CE  1 
ATOM   220 N  NZ  . LYS A 1 22 ? 5.354   0.325   -0.901  1.00 49.44  ?  22  LYS A NZ  1 
ATOM   221 N  N   . CYS A 1 23 ? 2.007   5.596   2.074   1.00 16.15  ?  23  CYS A N   1 
ATOM   222 C  CA  A CYS A 1 23 ? 1.334   6.885   1.953   0.50 16.52  ?  23  CYS A CA  1 
ATOM   223 C  CA  B CYS A 1 23 ? 1.299   6.864   1.911   0.50 18.41  ?  23  CYS A CA  1 
ATOM   224 C  C   . CYS A 1 23 ? 1.000   7.479   3.280   1.00 18.63  ?  23  CYS A C   1 
ATOM   225 O  O   . CYS A 1 23 ? 1.136   8.705   3.446   1.00 17.86  ?  23  CYS A O   1 
ATOM   226 C  CB  A CYS A 1 23 ? 0.100   6.771   1.088   0.63 15.62  ?  23  CYS A CB  1 
ATOM   227 C  CB  B CYS A 1 23 ? 0.030   6.677   1.085   0.20 19.68  ?  23  CYS A CB  1 
ATOM   228 S  SG  A CYS A 1 23 ? 0.443   6.195   -0.580  0.63 18.42  ?  23  CYS A SG  1 
ATOM   229 S  SG  B CYS A 1 23 ? -0.419  8.112   0.069   0.20 24.07  ?  23  CYS A SG  1 
ATOM   230 N  N   . GLN A 1 24 ? 0.644   6.662   4.275   1.00 17.70  ?  24  GLN A N   1 
ATOM   231 C  CA  A GLN A 1 24 ? 0.346   7.162   5.624   0.70 17.88  ?  24  GLN A CA  1 
ATOM   232 C  CA  B GLN A 1 24 ? 0.341   7.264   5.576   0.30 17.88  ?  24  GLN A CA  1 
ATOM   233 C  C   . GLN A 1 24 ? 1.626   7.754   6.231   1.00 17.99  ?  24  GLN A C   1 
ATOM   234 O  O   . GLN A 1 24 ? 1.590   8.788   6.913   1.00 17.11  ?  24  GLN A O   1 
ATOM   235 C  CB  A GLN A 1 24 ? -0.230  6.035   6.485   0.70 19.30  ?  24  GLN A CB  1 
ATOM   236 C  CB  B GLN A 1 24 ? -0.553  6.420   6.507   0.30 19.99  ?  24  GLN A CB  1 
ATOM   237 C  CG  A GLN A 1 24 ? -1.707  5.817   6.153   0.70 22.82  ?  24  GLN A CG  1 
ATOM   238 C  CG  B GLN A 1 24 ? -0.171  4.970   6.725   0.30 30.80  ?  24  GLN A CG  1 
ATOM   239 C  CD  A GLN A 1 24 ? -2.322  4.508   6.624   0.70 40.81  ?  24  GLN A CD  1 
ATOM   240 C  CD  B GLN A 1 24 ? -0.868  4.341   7.916   0.30 36.59  ?  24  GLN A CD  1 
ATOM   241 O  OE1 A GLN A 1 24 ? -1.641  3.551   7.013   0.70 36.74  ?  24  GLN A OE1 1 
ATOM   242 O  OE1 B GLN A 1 24 ? -2.019  4.655   8.233   0.30 35.00  ?  24  GLN A OE1 1 
ATOM   243 N  NE2 A GLN A 1 24 ? -3.650  4.439   6.584   0.70 37.88  ?  24  GLN A NE2 1 
ATOM   244 N  NE2 B GLN A 1 24 ? -0.180  3.441   8.619   0.30 18.48  ?  24  GLN A NE2 1 
ATOM   245 N  N   . ALA A 1 25 ? 2.792   7.133   5.930   1.00 15.79  ?  25  ALA A N   1 
ATOM   246 C  CA  . ALA A 1 25 ? 4.065   7.632   6.430   1.00 16.78  ?  25  ALA A CA  1 
ATOM   247 C  C   . ALA A 1 25 ? 4.402   8.980   5.751   1.00 16.16  ?  25  ALA A C   1 
ATOM   248 O  O   . ALA A 1 25 ? 4.900   9.907   6.398   1.00 16.11  ?  25  ALA A O   1 
ATOM   249 C  CB  . ALA A 1 25 ? 5.173   6.627   6.171   1.00 18.79  ?  25  ALA A CB  1 
ATOM   250 N  N   . LEU A 1 26 ? 4.100   9.108   4.464   1.00 14.79  ?  26  LEU A N   1 
ATOM   251 C  CA  A LEU A 1 26 ? 4.295   10.357  3.751   0.50 16.39  ?  26  LEU A CA  1 
ATOM   252 C  CA  B LEU A 1 26 ? 4.335   10.378  3.785   0.50 14.89  ?  26  LEU A CA  1 
ATOM   253 C  C   . LEU A 1 26 ? 3.387   11.442  4.340   1.00 15.64  ?  26  LEU A C   1 
ATOM   254 O  O   . LEU A 1 26 ? 3.820   12.587  4.563   1.00 15.76  ?  26  LEU A O   1 
ATOM   255 C  CB  A LEU A 1 26 ? 3.950   10.140  2.272   0.50 17.64  ?  26  LEU A CB  1 
ATOM   256 C  CB  B LEU A 1 26 ? 4.128   10.240  2.268   0.50 14.92  ?  26  LEU A CB  1 
ATOM   257 C  CG  A LEU A 1 26 ? 4.797   10.969  1.325   0.50 23.95  ?  26  LEU A CG  1 
ATOM   258 C  CG  B LEU A 1 26 ? 5.068   9.336   1.481   0.50 16.86  ?  26  LEU A CG  1 
ATOM   259 C  CD1 A LEU A 1 26 ? 6.262   10.475  1.335   0.50 24.61  ?  26  LEU A CD1 1 
ATOM   260 C  CD1 B LEU A 1 26 ? 4.713   9.370   0.004   0.50 18.40  ?  26  LEU A CD1 1 
ATOM   261 C  CD2 A LEU A 1 26 ? 4.245   10.923  -0.070  0.50 25.12  ?  26  LEU A CD2 1 
ATOM   262 C  CD2 B LEU A 1 26 ? 6.530   9.724   1.656   0.50 20.23  ?  26  LEU A CD2 1 
ATOM   263 N  N   . GLU A 1 27 ? 2.149   11.092  4.619   1.00 15.09  ?  27  GLU A N   1 
ATOM   264 C  CA  . GLU A 1 27 ? 1.182   12.033  5.170   1.00 15.75  ?  27  GLU A CA  1 
ATOM   265 C  C   . GLU A 1 27 ? 1.665   12.551  6.521   1.00 15.37  ?  27  GLU A C   1 
ATOM   266 O  O   . GLU A 1 27 ? 1.559   13.751  6.795   1.00 15.47  ?  27  GLU A O   1 
ATOM   267 C  CB  . GLU A 1 27 ? -0.167  11.324  5.383   1.00 17.35  ?  27  GLU A CB  1 
ATOM   268 C  CG  . GLU A 1 27 ? -1.211  12.218  6.030   1.00 20.38  ?  27  GLU A CG  1 
ATOM   269 C  CD  . GLU A 1 27 ? -2.574  11.576  6.115   0.80 22.69  ?  27  GLU A CD  1 
ATOM   270 O  OE1 . GLU A 1 27 ? -2.697  10.368  5.813   0.80 25.99  ?  27  GLU A OE1 1 
ATOM   271 O  OE2 . GLU A 1 27 ? -3.527  12.291  6.481   0.80 21.57  ?  27  GLU A OE2 1 
ATOM   272 N  N   . LYS A 1 28 ? 2.271   11.692  7.359   1.00 15.91  ?  28  LYS A N   1 
ATOM   273 C  CA  . LYS A 1 28 ? 2.754   12.154  8.654   1.00 16.36  ?  28  LYS A CA  1 
ATOM   274 C  C   . LYS A 1 28 ? 3.833   13.215  8.476   1.00 15.77  ?  28  LYS A C   1 
ATOM   275 O  O   . LYS A 1 28 ? 3.846   14.258  9.146   1.00 16.13  ?  28  LYS A O   1 
ATOM   276 C  CB  . LYS A 1 28 ? 3.282   10.929  9.432   1.00 19.16  ?  28  LYS A CB  1 
ATOM   277 C  CG  . LYS A 1 28 ? 3.798   11.235  10.813  1.00 24.06  ?  28  LYS A CG  1 
ATOM   278 C  CD  . LYS A 1 28 ? 4.224   9.923   11.501  1.00 28.62  ?  28  LYS A CD  1 
ATOM   279 C  CE  . LYS A 1 28 ? 4.351   10.094  12.999  1.00 47.06  ?  28  LYS A CE  1 
ATOM   280 N  NZ  . LYS A 1 28 ? 3.020   10.158  13.672  1.00 60.83  ?  28  LYS A NZ  1 
ATOM   281 N  N   . LYS A 1 29 ? 4.751   12.971  7.527   1.00 15.38  ?  29  LYS A N   1 
ATOM   282 C  CA  . LYS A 1 29 ? 5.777   13.951  7.267   1.00 15.63  ?  29  LYS A CA  1 
ATOM   283 C  C   . LYS A 1 29 ? 5.233   15.243  6.697   1.00 14.70  ?  29  LYS A C   1 
ATOM   284 O  O   . LYS A 1 29 ? 5.690   16.321  7.043   1.00 15.37  ?  29  LYS A O   1 
ATOM   285 C  CB  . LYS A 1 29 ? 6.847   13.384  6.317   1.00 19.39  ?  29  LYS A CB  1 
ATOM   286 C  CG  . LYS A 1 29 ? 7.722   12.282  6.859   1.00 22.00  ?  29  LYS A CG  1 
ATOM   287 C  CD  . LYS A 1 29 ? 8.590   11.800  5.627   1.00 27.78  ?  29  LYS A CD  1 
ATOM   288 C  CE  . LYS A 1 29 ? 9.618   10.789  5.992   1.00 38.49  ?  29  LYS A CE  1 
ATOM   289 N  NZ  . LYS A 1 29 ? 10.858  11.466  6.407   1.00 40.41  ?  29  LYS A NZ  1 
ATOM   290 N  N   . LEU A 1 30 ? 4.259   15.150  5.803   1.00 14.45  ?  30  LEU A N   1 
ATOM   291 C  CA  . LEU A 1 30 ? 3.655   16.322  5.198   1.00 15.39  ?  30  LEU A CA  1 
ATOM   292 C  C   . LEU A 1 30 ? 2.917   17.163  6.290   1.00 15.01  ?  30  LEU A C   1 
ATOM   293 O  O   . LEU A 1 30 ? 3.016   18.382  6.323   1.00 15.00  ?  30  LEU A O   1 
ATOM   294 C  CB  . LEU A 1 30 ? 2.676   15.833  4.120   1.00 17.03  ?  30  LEU A CB  1 
ATOM   295 C  CG  . LEU A 1 30 ? 1.865   16.929  3.431   1.00 23.00  ?  30  LEU A CG  1 
ATOM   296 C  CD1 . LEU A 1 30 ? 2.746   17.948  2.775   1.00 26.83  ?  30  LEU A CD1 1 
ATOM   297 C  CD2 . LEU A 1 30 ? 1.082   16.335  2.295   1.00 28.48  ?  30  LEU A CD2 1 
ATOM   298 N  N   . GLU A 1 31 ? 2.200   16.473  7.168   1.00 14.50  ?  31  GLU A N   1 
ATOM   299 C  CA  . GLU A 1 31 ? 1.477   17.167  8.241   1.00 14.07  ?  31  GLU A CA  1 
ATOM   300 C  C   . GLU A 1 31 ? 2.436   17.855  9.204   1.00 14.65  ?  31  GLU A C   1 
ATOM   301 O  O   . GLU A 1 31 ? 2.128   18.968  9.674   1.00 16.01  ?  31  GLU A O   1 
ATOM   302 C  CB  . GLU A 1 31 ? 0.522   16.203  8.936   1.00 14.79  ?  31  GLU A CB  1 
ATOM   303 C  CG  . GLU A 1 31 ? -0.673  15.807  8.072   1.00 15.94  ?  31  GLU A CG  1 
ATOM   304 C  CD  . GLU A 1 31 ? -1.631  16.944  7.774   1.00 17.08  ?  31  GLU A CD  1 
ATOM   305 O  OE1 . GLU A 1 31 ? -1.567  17.960  8.494   1.00 16.72  ?  31  GLU A OE1 1 
ATOM   306 O  OE2 . GLU A 1 31 ? -2.393  16.856  6.782   1.00 19.92  ?  31  GLU A OE2 1 
ATOM   307 N  N   . ALA A 1 32 ? 3.635   17.285  9.425   1.00 14.42  ?  32  ALA A N   1 
ATOM   308 C  CA  . ALA A 1 32 ? 4.612   17.974  10.250  1.00 16.19  ?  32  ALA A CA  1 
ATOM   309 C  C   . ALA A 1 32 ? 5.080   19.262  9.588   1.00 17.57  ?  32  ALA A C   1 
ATOM   310 O  O   . ALA A 1 32 ? 5.243   20.289  10.267  1.00 19.02  ?  32  ALA A O   1 
ATOM   311 C  CB  . ALA A 1 32 ? 5.789   17.064  10.534  1.00 17.60  ?  32  ALA A CB  1 
ATOM   312 N  N   . LEU A 1 33 ? 5.192   19.270  8.260   1.00 16.65  ?  33  LEU A N   1 
ATOM   313 C  CA  . LEU A 1 33 ? 5.542   20.494  7.539   1.00 17.79  ?  33  LEU A CA  1 
ATOM   314 C  C   . LEU A 1 33 ? 4.408   21.489  7.494   1.00 16.35  ?  33  LEU A C   1 
ATOM   315 O  O   . LEU A 1 33 ? 4.622   22.680  7.690   1.00 18.23  ?  33  LEU A O   1 
ATOM   316 C  CB  . LEU A 1 33 ? 5.983   20.149  6.099   1.00 18.98  ?  33  LEU A CB  1 
ATOM   317 C  CG  . LEU A 1 33 ? 7.307   19.432  5.995   1.00 23.07  ?  33  LEU A CG  1 
ATOM   318 C  CD1 . LEU A 1 33 ? 7.513   18.872  4.594   1.00 25.98  ?  33  LEU A CD1 1 
ATOM   319 C  CD2 . LEU A 1 33 ? 8.455   20.364  6.367   1.00 26.66  ?  33  LEU A CD2 1 
ATOM   320 N  N   . GLU A 1 34 ? 3.193   21.031  7.354   1.00 16.20  ?  34  GLU A N   1 
ATOM   321 C  CA  . GLU A 1 34 ? 2.018   21.870  7.243   1.00 17.49  ?  34  GLU A CA  1 
ATOM   322 C  C   . GLU A 1 34 ? 1.739   22.619  8.538   1.00 21.02  ?  34  GLU A C   1 
ATOM   323 O  O   . GLU A 1 34 ? 1.214   23.752  8.491   1.00 23.58  ?  34  GLU A O   1 
ATOM   324 C  CB  . GLU A 1 34 ? 0.828   20.978  6.832   1.00 18.64  ?  34  GLU A CB  1 
ATOM   325 C  CG  . GLU A 1 34 ? -0.458  21.753  6.590   1.00 23.03  ?  34  GLU A CG  1 
ATOM   326 C  CD  . GLU A 1 34 ? -1.494  20.903  5.896   1.00 22.48  ?  34  GLU A CD  1 
ATOM   327 O  OE1 . GLU A 1 34 ? -2.339  20.266  6.567   1.00 20.14  ?  34  GLU A OE1 1 
ATOM   328 O  OE2 . GLU A 1 34 ? -1.432  20.844  4.650   1.00 21.68  ?  34  GLU A OE2 1 
ATOM   329 N  N   A HIS A 1 35 ? 2.059   21.960  9.670   0.50 17.31  ?  35  HIS A N   1 
ATOM   330 N  N   B HIS A 1 35 ? 2.109   22.073  9.678   0.50 18.30  ?  35  HIS A N   1 
ATOM   331 C  CA  A HIS A 1 35 ? 1.814   22.450  11.029  0.50 16.80  ?  35  HIS A CA  1 
ATOM   332 C  CA  B HIS A 1 35 ? 1.778   22.795  10.911  0.50 18.43  ?  35  HIS A CA  1 
ATOM   333 C  C   A HIS A 1 35 ? 3.097   22.847  11.765  0.50 25.83  ?  35  HIS A C   1 
ATOM   334 C  C   B HIS A 1 35 ? 3.026   23.291  11.643  0.50 25.04  ?  35  HIS A C   1 
ATOM   335 O  O   A HIS A 1 35 ? 3.045   23.016  12.980  0.50 27.12  ?  35  HIS A O   1 
ATOM   336 O  O   B HIS A 1 35 ? 2.931   23.869  12.716  0.50 25.06  ?  35  HIS A O   1 
ATOM   337 C  CB  A HIS A 1 35 ? 0.962   21.422  11.798  0.50 15.06  ?  35  HIS A CB  1 
ATOM   338 C  CB  B HIS A 1 35 ? 0.850   21.923  11.770  0.50 18.39  ?  35  HIS A CB  1 
ATOM   339 C  CG  A HIS A 1 35 ? -0.336  21.198  11.103  0.50 14.34  ?  35  HIS A CG  1 
ATOM   340 C  CG  B HIS A 1 35 ? -0.389  21.570  11.010  0.50 19.68  ?  35  HIS A CG  1 
ATOM   341 N  ND1 A HIS A 1 35 ? -1.379  22.107  11.201  0.50 14.59  ?  35  HIS A ND1 1 
ATOM   342 N  ND1 B HIS A 1 35 ? -1.390  22.503  10.806  0.50 21.07  ?  35  HIS A ND1 1 
ATOM   343 C  CD2 A HIS A 1 35 ? -0.719  20.207  10.274  0.50 14.85  ?  35  HIS A CD2 1 
ATOM   344 C  CD2 B HIS A 1 35 ? -0.696  20.452  10.315  0.50 19.33  ?  35  HIS A CD2 1 
ATOM   345 C  CE1 A HIS A 1 35 ? -2.348  21.642  10.446  0.50 15.16  ?  35  HIS A CE1 1 
ATOM   346 C  CE1 B HIS A 1 35 ? -2.279  21.922  10.023  0.50 19.83  ?  35  HIS A CE1 1 
ATOM   347 N  NE2 A HIS A 1 35 ? -1.981  20.522  9.825   0.50 14.53  ?  35  HIS A NE2 1 
ATOM   348 N  NE2 B HIS A 1 35 ? -1.906  20.685  9.696   0.50 19.29  ?  35  HIS A NE2 1 
ATOM   349 N  N   . GLY A 1 36 ? 4.170   23.126  11.013  1.00 23.24  ?  36  GLY A N   1 
ATOM   350 C  CA  . GLY A 1 36 ? 5.466   23.539  11.554  1.00 37.57  ?  36  GLY A CA  1 
ATOM   351 C  C   . GLY A 1 36 ? 5.668   25.038  11.630  1.00 79.64  ?  36  GLY A C   1 
ATOM   352 O  O   . GLY A 1 36 ? 5.189   25.780  10.770  1.00 50.47  ?  36  GLY A O   1 
HETATM 353 ZN ZN  . ZN  B 2 .  ? -2.712  19.543  8.273   0.83 15.23  2  101 ZN  A ZN  1 
HETATM 354 PB PB  A PB  C 3 .  ? -3.225  -0.285  -5.149  0.12 23.00  2  102 PB  A PB  1 
HETATM 355 PB PB  B PB  C 3 .  ? -2.836  0.587   -4.789  0.10 15.97  2  102 PB  A PB  1 
HETATM 356 PB PB  A PB  D 3 .  ? 0.708   8.413   -1.852  0.21 18.63  2  103 PB  A PB  1 
HETATM 357 PB PB  B PB  D 3 .  ? 1.191   9.475   -1.452  0.02 14.60  2  103 PB  A PB  1 
HETATM 358 CL CL  . CL  E 4 .  ? 9.561   9.890   10.837  0.60 15.30  -1 104 CL  A CL  1 
HETATM 359 O  O   . HOH F 5 .  ? 0.281   -22.119 -11.674 1.00 36.51  ?  201 HOH A O   1 
HETATM 360 O  O   . HOH F 5 .  ? -2.908  -16.940 -14.460 0.50 36.30  ?  202 HOH A O   1 
HETATM 361 O  O   . HOH F 5 .  ? 4.546   22.436  14.931  1.00 40.51  ?  203 HOH A O   1 
HETATM 362 O  O   . HOH F 5 .  ? 1.038   24.417  14.316  1.00 33.74  ?  204 HOH A O   1 
HETATM 363 O  O   . HOH F 5 .  ? -2.033  -10.925 0.346   1.00 35.21  ?  205 HOH A O   1 
HETATM 364 O  O   . HOH F 5 .  ? -4.452  -12.099 0.434   1.00 37.71  ?  206 HOH A O   1 
HETATM 365 O  O   . HOH F 5 .  ? -8.967  -21.420 -3.283  0.50 44.49  ?  207 HOH A O   1 
HETATM 366 O  O   . HOH F 5 .  ? -0.509  22.417  2.699   1.00 21.54  ?  208 HOH A O   1 
HETATM 367 O  O   . HOH F 5 .  ? 3.089   -8.332  -2.839  1.00 30.86  ?  209 HOH A O   1 
HETATM 368 O  O   . HOH F 5 .  ? -3.615  14.787  5.515   1.00 24.32  ?  210 HOH A O   1 
HETATM 369 O  O   . HOH F 5 .  ? -0.079  -7.986  3.202   1.00 27.46  ?  211 HOH A O   1 
HETATM 370 O  O   . HOH F 5 .  ? 2.654   25.967  9.818   1.00 39.89  ?  212 HOH A O   1 
HETATM 371 O  O   . HOH F 5 .  ? -5.019  -4.582  -0.142  1.00 40.80  ?  213 HOH A O   1 
HETATM 372 O  O   . HOH F 5 .  ? 1.003   -15.865 -9.931  1.00 29.77  ?  214 HOH A O   1 
HETATM 373 O  O   . HOH F 5 .  ? 5.321   20.302  12.993  1.00 28.53  ?  215 HOH A O   1 
HETATM 374 O  O   . HOH F 5 .  ? 2.444   4.132   7.882   1.00 23.79  ?  216 HOH A O   1 
HETATM 375 O  O   . HOH F 5 .  ? 4.650   -0.049  3.733   1.00 24.65  ?  217 HOH A O   1 
HETATM 376 O  O   . HOH F 5 .  ? 6.607   24.160  6.498   1.00 32.30  ?  218 HOH A O   1 
HETATM 377 O  O   . HOH F 5 .  ? -1.181  24.409  12.778  1.00 29.15  ?  219 HOH A O   1 
HETATM 378 O  O   . HOH F 5 .  ? -9.462  -7.684  -1.523  1.00 26.16  ?  220 HOH A O   1 
HETATM 379 O  O   . HOH F 5 .  ? -3.203  -20.912 -5.688  1.00 28.57  ?  221 HOH A O   1 
HETATM 380 O  O   . HOH F 5 .  ? 0.827   -14.616 -3.687  1.00 21.74  ?  222 HOH A O   1 
HETATM 381 O  O   . HOH F 5 .  ? 2.842   14.650  11.691  1.00 18.69  ?  223 HOH A O   1 
HETATM 382 O  O   . HOH F 5 .  ? -4.400  9.925   3.678   1.00 36.07  ?  224 HOH A O   1 
HETATM 383 O  O   . HOH F 5 .  ? 3.700   -1.376  -2.393  1.00 30.12  ?  225 HOH A O   1 
HETATM 384 O  O   . HOH F 5 .  ? -0.390  9.468   8.734   1.00 30.35  ?  226 HOH A O   1 
HETATM 385 O  O   . HOH F 5 .  ? -6.172  -25.622 -9.997  1.00 22.36  ?  227 HOH A O   1 
HETATM 386 O  O   . HOH F 5 .  ? 3.071   26.651  12.750  1.00 57.34  ?  228 HOH A O   1 
HETATM 387 O  O   . HOH F 5 .  ? -6.134  -14.909 -3.729  1.00 26.83  ?  229 HOH A O   1 
HETATM 388 O  O   . HOH F 5 .  ? 1.229   -4.034  10.675  1.00 88.15  ?  230 HOH A O   1 
HETATM 389 O  O   . HOH F 5 .  ? -2.341  -0.963  4.814   1.00 36.12  ?  231 HOH A O   1 
HETATM 390 O  O   . HOH F 5 .  ? -1.051  5.491   10.748  1.00 47.46  ?  232 HOH A O   1 
HETATM 391 O  O   . HOH F 5 .  ? -3.618  3.138   9.998   1.00 60.10  ?  233 HOH A O   1 
HETATM 392 O  O   . HOH F 5 .  ? 6.798   8.954   8.273   1.00 23.19  ?  234 HOH A O   1 
HETATM 393 O  O   . HOH F 5 .  ? 6.696   6.188   2.917   1.00 25.71  ?  235 HOH A O   1 
HETATM 394 O  O   . HOH F 5 .  ? 2.024   -6.139  2.617   0.50 36.76  ?  236 HOH A O   1 
HETATM 395 O  O   . HOH F 5 .  ? -2.879  5.816   3.056   1.00 35.44  ?  237 HOH A O   1 
HETATM 396 O  O   . HOH F 5 .  ? -7.434  -23.716 -5.927  0.20 107.45 ?  238 HOH A O   1 
HETATM 397 O  O   . HOH F 5 .  ? -0.983  -22.394 -6.065  1.00 31.05  ?  239 HOH A O   1 
HETATM 398 O  O   . HOH F 5 .  ? 1.359   25.431  6.037   1.00 36.08  ?  240 HOH A O   1 
HETATM 399 O  O   . HOH F 5 .  ? 8.312   20.862  10.090  1.00 32.55  ?  241 HOH A O   1 
HETATM 400 O  O   . HOH F 5 .  ? 5.210   2.515   5.123   1.00 24.68  ?  242 HOH A O   1 
HETATM 401 O  O   . HOH F 5 .  ? 2.141   17.442  12.463  0.50 14.93  ?  243 HOH A O   1 
HETATM 402 O  O   . HOH F 5 .  ? -12.484 -21.571 -10.170 0.50 31.95  ?  244 HOH A O   1 
HETATM 403 O  O   . HOH F 5 .  ? -2.911  -25.659 -17.406 0.10 13.07  ?  245 HOH A O   1 
HETATM 404 O  O   . HOH F 5 .  ? 1.581   -12.510 -1.930  1.00 23.26  ?  246 HOH A O   1 
HETATM 405 O  O   . HOH F 5 .  ? 0.817   -20.662 -9.485  1.00 38.70  ?  247 HOH A O   1 
HETATM 406 O  O   . HOH F 5 .  ? -2.911  -11.202 -17.580 1.00 25.84  ?  248 HOH A O   1 
HETATM 407 O  O   . HOH F 5 .  ? -2.806  -17.194 -2.978  1.00 21.66  ?  249 HOH A O   1 
HETATM 408 O  O   . HOH F 5 .  ? 4.014   -6.471  -1.040  1.00 48.64  ?  250 HOH A O   1 
HETATM 409 O  O   . HOH F 5 .  ? -1.027  -9.266  -17.590 1.00 27.83  ?  251 HOH A O   1 
HETATM 410 O  O   . HOH F 5 .  ? 4.981   10.664  16.574  1.00 41.71  ?  252 HOH A O   1 
HETATM 411 O  O   . HOH F 5 .  ? 6.837   13.219  10.778  1.00 29.53  ?  253 HOH A O   1 
HETATM 412 O  O   . HOH F 5 .  ? 1.482   -7.280  -7.383  1.00 34.33  ?  254 HOH A O   1 
HETATM 413 O  O   . HOH F 5 .  ? 2.091   -14.028 -8.162  1.00 34.91  ?  255 HOH A O   1 
HETATM 414 O  O   . HOH F 5 .  ? 7.524   -2.080  0.822   1.00 30.37  ?  256 HOH A O   1 
HETATM 415 O  O   . HOH F 5 .  ? 2.992   6.316   9.532   1.00 27.50  ?  257 HOH A O   1 
HETATM 416 O  O   . HOH F 5 .  ? 0.729   7.550   10.438  1.00 38.50  ?  258 HOH A O   1 
HETATM 417 O  O   . HOH F 5 .  ? -3.121  23.296  2.218   1.00 30.29  ?  259 HOH A O   1 
HETATM 418 O  O   . HOH F 5 .  ? 5.188   13.978  12.906  1.00 22.64  ?  260 HOH A O   1 
HETATM 419 O  O   . HOH F 5 .  ? 3.115   -14.786 -5.166  1.00 38.35  ?  261 HOH A O   1 
HETATM 420 O  O   . HOH F 5 .  ? 5.953   12.564  15.086  1.00 34.15  ?  262 HOH A O   1 
HETATM 421 O  O   . HOH F 5 .  ? -10.298 -15.925 -11.078 0.15 158.65 ?  263 HOH A O   1 
HETATM 422 O  O   . HOH F 5 .  ? 8.110   8.250   4.232   1.00 25.46  ?  264 HOH A O   1 
HETATM 423 O  O   . HOH F 5 .  ? -6.883  -22.619 -2.130  0.50 32.91  ?  265 HOH A O   1 
HETATM 424 O  O   . HOH F 5 .  ? -11.420 -8.517  0.410   1.00 33.58  ?  266 HOH A O   1 
HETATM 425 O  O   . HOH F 5 .  ? -3.053  -19.953 -3.106  1.00 22.66  ?  267 HOH A O   1 
HETATM 426 O  O   . HOH F 5 .  ? 3.891   26.440  5.801   1.00 44.53  ?  268 HOH A O   1 
HETATM 427 O  O   . HOH F 5 .  ? 5.856   7.007   12.636  1.00 41.92  ?  269 HOH A O   1 
HETATM 428 O  O   . HOH F 5 .  ? 8.783   23.353  8.848   1.00 50.00  ?  270 HOH A O   1 
HETATM 429 O  O   . HOH F 5 .  ? 9.561   18.606  9.183   1.00 28.83  ?  271 HOH A O   1 
HETATM 430 O  O   . HOH F 5 .  ? 2.477   -18.168 -9.879  1.00 47.03  ?  272 HOH A O   1 
HETATM 431 O  O   . HOH F 5 .  ? -0.431  -16.392 -1.959  1.00 23.20  ?  273 HOH A O   1 
HETATM 432 O  O   . HOH F 5 .  ? 5.641   6.836   9.831   1.00 28.63  ?  274 HOH A O   1 
HETATM 433 O  O   . HOH F 5 .  ? 2.936   29.956  11.694  1.00 83.08  ?  275 HOH A O   1 
HETATM 434 O  O   . HOH F 5 .  ? 7.551   23.545  3.891   0.33 37.49  ?  276 HOH A O   1 
HETATM 435 O  O   . HOH F 5 .  ? 10.174  -0.850  -0.052  1.00 42.60  ?  277 HOH A O   1 
HETATM 436 O  O   . HOH F 5 .  ? 4.515   -10.536 -7.041  1.00 42.11  ?  278 HOH A O   1 
# 
loop_
_pdbx_poly_seq_scheme.asym_id 
_pdbx_poly_seq_scheme.entity_id 
_pdbx_poly_seq_scheme.seq_id 
_pdbx_poly_seq_scheme.mon_id 
_pdbx_poly_seq_scheme.ndb_seq_num 
_pdbx_poly_seq_scheme.pdb_seq_num 
_pdbx_poly_seq_scheme.auth_seq_num 
_pdbx_poly_seq_scheme.pdb_mon_id 
_pdbx_poly_seq_scheme.auth_mon_id 
_pdbx_poly_seq_scheme.pdb_strand_id 
_pdbx_poly_seq_scheme.pdb_ins_code 
_pdbx_poly_seq_scheme.hetero 
A 1 1  GLU 1  1  1  GLU GLU A . n 
A 1 2  TRP 2  2  2  TRP TRP A . n 
A 1 3  GLU 3  3  3  GLU GLU A . n 
A 1 4  ALA 4  4  4  ALA ALA A . n 
A 1 5  LEU 5  5  5  LEU LEU A . n 
A 1 6  GLU 6  6  6  GLU GLU A . n 
A 1 7  LYS 7  7  7  LYS LYS A . n 
A 1 8  LYS 8  8  8  LYS LYS A . n 
A 1 9  LEU 9  9  9  LEU LEU A . n 
A 1 10 ALA 10 10 10 ALA ALA A . n 
A 1 11 ALA 11 11 11 ALA ALA A . n 
A 1 12 LEU 12 12 12 LEU LEU A . n 
A 1 13 GLU 13 13 13 GLU GLU A . n 
A 1 14 SER 14 14 14 SER SER A . n 
A 1 15 LYS 15 15 15 LYS LYS A . n 
A 1 16 CYS 16 16 16 CYS CYS A . n 
A 1 17 GLN 17 17 17 GLN GLN A . n 
A 1 18 ALA 18 18 18 ALA ALA A . n 
A 1 19 LEU 19 19 19 LEU LEU A . n 
A 1 20 GLU 20 20 20 GLU GLU A . n 
A 1 21 LYS 21 21 21 LYS LYS A . n 
A 1 22 LYS 22 22 22 LYS LYS A . n 
A 1 23 CYS 23 23 23 CYS CYS A . n 
A 1 24 GLN 24 24 24 GLN GLN A . n 
A 1 25 ALA 25 25 25 ALA ALA A . n 
A 1 26 LEU 26 26 26 LEU LEU A . n 
A 1 27 GLU 27 27 27 GLU GLU A . n 
A 1 28 LYS 28 28 28 LYS LYS A . n 
A 1 29 LYS 29 29 29 LYS LYS A . n 
A 1 30 LEU 30 30 30 LEU LEU A . n 
A 1 31 GLU 31 31 31 GLU GLU A . n 
A 1 32 ALA 32 32 32 ALA ALA A . n 
A 1 33 LEU 33 33 33 LEU LEU A . n 
A 1 34 GLU 34 34 34 GLU GLU A . n 
A 1 35 HIS 35 35 35 HIS HIS A . n 
A 1 36 GLY 36 36 36 GLY GLY A . n 
# 
loop_
_pdbx_nonpoly_scheme.asym_id 
_pdbx_nonpoly_scheme.entity_id 
_pdbx_nonpoly_scheme.mon_id 
_pdbx_nonpoly_scheme.ndb_seq_num 
_pdbx_nonpoly_scheme.pdb_seq_num 
_pdbx_nonpoly_scheme.auth_seq_num 
_pdbx_nonpoly_scheme.pdb_mon_id 
_pdbx_nonpoly_scheme.auth_mon_id 
_pdbx_nonpoly_scheme.pdb_strand_id 
_pdbx_nonpoly_scheme.pdb_ins_code 
B 2 ZN  1  101 1  ZN  ZN  A . 
C 3 PB  1  102 1  PB  PB  A . 
D 3 PB  1  103 2  PB  PB  A . 
E 4 CL  1  104 1  CL  CL  A . 
F 5 HOH 1  201 74 HOH HOH A . 
F 5 HOH 2  202 69 HOH HOH A . 
F 5 HOH 3  203 86 HOH HOH A . 
F 5 HOH 4  204 23 HOH HOH A . 
F 5 HOH 5  205 42 HOH HOH A . 
F 5 HOH 6  206 40 HOH HOH A . 
F 5 HOH 7  207 27 HOH HOH A . 
F 5 HOH 8  208 21 HOH HOH A . 
F 5 HOH 9  209 35 HOH HOH A . 
F 5 HOH 10 210 8  HOH HOH A . 
F 5 HOH 11 211 16 HOH HOH A . 
F 5 HOH 12 212 50 HOH HOH A . 
F 5 HOH 13 213 44 HOH HOH A . 
F 5 HOH 14 214 37 HOH HOH A . 
F 5 HOH 15 215 24 HOH HOH A . 
F 5 HOH 16 216 32 HOH HOH A . 
F 5 HOH 17 217 15 HOH HOH A . 
F 5 HOH 18 218 51 HOH HOH A . 
F 5 HOH 19 219 22 HOH HOH A . 
F 5 HOH 20 220 43 HOH HOH A . 
F 5 HOH 21 221 48 HOH HOH A . 
F 5 HOH 22 222 18 HOH HOH A . 
F 5 HOH 23 223 2  HOH HOH A . 
F 5 HOH 24 224 85 HOH HOH A . 
F 5 HOH 25 225 34 HOH HOH A . 
F 5 HOH 26 226 31 HOH HOH A . 
F 5 HOH 27 227 38 HOH HOH A . 
F 5 HOH 28 228 57 HOH HOH A . 
F 5 HOH 29 229 33 HOH HOH A . 
F 5 HOH 30 230 79 HOH HOH A . 
F 5 HOH 31 231 45 HOH HOH A . 
F 5 HOH 32 232 81 HOH HOH A . 
F 5 HOH 33 233 75 HOH HOH A . 
F 5 HOH 34 234 5  HOH HOH A . 
F 5 HOH 35 235 39 HOH HOH A . 
F 5 HOH 36 236 17 HOH HOH A . 
F 5 HOH 37 237 80 HOH HOH A . 
F 5 HOH 38 238 84 HOH HOH A . 
F 5 HOH 39 239 49 HOH HOH A . 
F 5 HOH 40 240 60 HOH HOH A . 
F 5 HOH 41 241 19 HOH HOH A . 
F 5 HOH 42 242 12 HOH HOH A . 
F 5 HOH 43 243 1  HOH HOH A . 
F 5 HOH 44 244 55 HOH HOH A . 
F 5 HOH 45 245 83 HOH HOH A . 
F 5 HOH 46 246 13 HOH HOH A . 
F 5 HOH 47 247 58 HOH HOH A . 
F 5 HOH 48 248 10 HOH HOH A . 
F 5 HOH 49 249 9  HOH HOH A . 
F 5 HOH 50 250 77 HOH HOH A . 
F 5 HOH 51 251 41 HOH HOH A . 
F 5 HOH 52 252 61 HOH HOH A . 
F 5 HOH 53 253 26 HOH HOH A . 
F 5 HOH 54 254 63 HOH HOH A . 
F 5 HOH 55 255 36 HOH HOH A . 
F 5 HOH 56 256 14 HOH HOH A . 
F 5 HOH 57 257 30 HOH HOH A . 
F 5 HOH 58 258 62 HOH HOH A . 
F 5 HOH 59 259 28 HOH HOH A . 
F 5 HOH 60 260 3  HOH HOH A . 
F 5 HOH 61 261 53 HOH HOH A . 
F 5 HOH 62 262 25 HOH HOH A . 
F 5 HOH 63 263 54 HOH HOH A . 
F 5 HOH 64 264 7  HOH HOH A . 
F 5 HOH 65 265 47 HOH HOH A . 
F 5 HOH 66 266 52 HOH HOH A . 
F 5 HOH 67 267 6  HOH HOH A . 
F 5 HOH 68 268 71 HOH HOH A . 
F 5 HOH 69 269 78 HOH HOH A . 
F 5 HOH 70 270 72 HOH HOH A . 
F 5 HOH 71 271 20 HOH HOH A . 
F 5 HOH 72 272 65 HOH HOH A . 
F 5 HOH 73 273 11 HOH HOH A . 
F 5 HOH 74 274 29 HOH HOH A . 
F 5 HOH 75 275 73 HOH HOH A . 
F 5 HOH 76 276 59 HOH HOH A . 
F 5 HOH 77 277 67 HOH HOH A . 
F 5 HOH 78 278 68 HOH HOH A . 
# 
_pdbx_struct_assembly.id                   1 
_pdbx_struct_assembly.details              author_and_software_defined_assembly 
_pdbx_struct_assembly.method_details       PISA 
_pdbx_struct_assembly.oligomeric_details   trimeric 
_pdbx_struct_assembly.oligomeric_count     3 
# 
_pdbx_struct_assembly_gen.assembly_id       1 
_pdbx_struct_assembly_gen.oper_expression   1,2,3 
_pdbx_struct_assembly_gen.asym_id_list      A,B,C,D,E,F 
# 
loop_
_pdbx_struct_assembly_prop.biol_id 
_pdbx_struct_assembly_prop.type 
_pdbx_struct_assembly_prop.value 
_pdbx_struct_assembly_prop.details 
1 'ABSA (A^2)' 4470 ? 
1 MORE         -124 ? 
1 'SSA (A^2)'  7630 ? 
# 
loop_
_pdbx_struct_oper_list.id 
_pdbx_struct_oper_list.type 
_pdbx_struct_oper_list.name 
_pdbx_struct_oper_list.symmetry_operation 
_pdbx_struct_oper_list.matrix[1][1] 
_pdbx_struct_oper_list.matrix[1][2] 
_pdbx_struct_oper_list.matrix[1][3] 
_pdbx_struct_oper_list.vector[1] 
_pdbx_struct_oper_list.matrix[2][1] 
_pdbx_struct_oper_list.matrix[2][2] 
_pdbx_struct_oper_list.matrix[2][3] 
_pdbx_struct_oper_list.vector[2] 
_pdbx_struct_oper_list.matrix[3][1] 
_pdbx_struct_oper_list.matrix[3][2] 
_pdbx_struct_oper_list.matrix[3][3] 
_pdbx_struct_oper_list.vector[3] 
1 'identity operation'         1_555 x,y,z       1.0000000000  0.0000000000 0.0000000000  0.0000000000  0.0000000000 1.0000000000 0.0000000000 0.0000000000 0.0000000000  0.0000000000 1.0000000000  0.0000000000  
2 'crystal symmetry operation' 2_565 -y,x-y+1,z  -0.2724533368 0.2204289739 0.9365790125  0.7823671642  0.7858812227 0.6125852140 0.0844396791 2.8583954600 -0.5551215030 0.7590457318 -0.3401318772 -8.4740305065 
3 'crystal symmetry operation' 3_455 -x+y-1,-x,z -0.2724533368 0.7858812227 -0.5551215030 -6.7373173254 0.2204289739 0.6125852140 0.7590457318 4.5087095013 0.9365790125  0.0844396791 -0.3401318772 -3.8563985652 
# 
loop_
_pdbx_struct_special_symmetry.id 
_pdbx_struct_special_symmetry.PDB_model_num 
_pdbx_struct_special_symmetry.auth_asym_id 
_pdbx_struct_special_symmetry.auth_comp_id 
_pdbx_struct_special_symmetry.auth_seq_id 
_pdbx_struct_special_symmetry.PDB_ins_code 
_pdbx_struct_special_symmetry.label_asym_id 
_pdbx_struct_special_symmetry.label_comp_id 
_pdbx_struct_special_symmetry.label_seq_id 
1 1 A PB  102 ? C PB  . 
2 1 A PB  103 ? D PB  . 
3 1 A HOH 236 ? F HOH . 
4 1 A HOH 263 ? F HOH . 
5 1 A HOH 276 ? F HOH . 
# 
loop_
_pdbx_struct_conn_angle.id 
_pdbx_struct_conn_angle.ptnr1_label_atom_id 
_pdbx_struct_conn_angle.ptnr1_label_alt_id 
_pdbx_struct_conn_angle.ptnr1_label_asym_id 
_pdbx_struct_conn_angle.ptnr1_label_comp_id 
_pdbx_struct_conn_angle.ptnr1_label_seq_id 
_pdbx_struct_conn_angle.ptnr1_auth_atom_id 
_pdbx_struct_conn_angle.ptnr1_auth_asym_id 
_pdbx_struct_conn_angle.ptnr1_auth_comp_id 
_pdbx_struct_conn_angle.ptnr1_auth_seq_id 
_pdbx_struct_conn_angle.ptnr1_PDB_ins_code 
_pdbx_struct_conn_angle.ptnr1_symmetry 
_pdbx_struct_conn_angle.ptnr2_label_atom_id 
_pdbx_struct_conn_angle.ptnr2_label_alt_id 
_pdbx_struct_conn_angle.ptnr2_label_asym_id 
_pdbx_struct_conn_angle.ptnr2_label_comp_id 
_pdbx_struct_conn_angle.ptnr2_label_seq_id 
_pdbx_struct_conn_angle.ptnr2_auth_atom_id 
_pdbx_struct_conn_angle.ptnr2_auth_asym_id 
_pdbx_struct_conn_angle.ptnr2_auth_comp_id 
_pdbx_struct_conn_angle.ptnr2_auth_seq_id 
_pdbx_struct_conn_angle.ptnr2_PDB_ins_code 
_pdbx_struct_conn_angle.ptnr2_symmetry 
_pdbx_struct_conn_angle.ptnr3_label_atom_id 
_pdbx_struct_conn_angle.ptnr3_label_alt_id 
_pdbx_struct_conn_angle.ptnr3_label_asym_id 
_pdbx_struct_conn_angle.ptnr3_label_comp_id 
_pdbx_struct_conn_angle.ptnr3_label_seq_id 
_pdbx_struct_conn_angle.ptnr3_auth_atom_id 
_pdbx_struct_conn_angle.ptnr3_auth_asym_id 
_pdbx_struct_conn_angle.ptnr3_auth_comp_id 
_pdbx_struct_conn_angle.ptnr3_auth_seq_id 
_pdbx_struct_conn_angle.ptnr3_PDB_ins_code 
_pdbx_struct_conn_angle.ptnr3_symmetry 
_pdbx_struct_conn_angle.value 
_pdbx_struct_conn_angle.value_esd 
1  OE1 ? A GLU 3  ? A GLU 3  ? 1_555 ZN ? B ZN . ? A ZN 101 ? 4_565 OE1 ? A GLU 31 ? A GLU 31 ? 1_555 38.1 ? 
2  OE1 ? A GLU 3  ? A GLU 3  ? 1_555 ZN ? B ZN . ? A ZN 101 ? 4_565 OE1 ? A GLU 34 ? A GLU 34 ? 1_555 35.0 ? 
3  OE1 ? A GLU 31 ? A GLU 31 ? 1_555 ZN ? B ZN . ? A ZN 101 ? 4_565 OE1 ? A GLU 34 ? A GLU 34 ? 1_555 3.2  ? 
4  OE1 ? A GLU 3  ? A GLU 3  ? 1_555 ZN ? B ZN . ? A ZN 101 ? 4_565 NE2 A A HIS 35 ? A HIS 35 ? 1_555 38.3 ? 
5  OE1 ? A GLU 31 ? A GLU 31 ? 1_555 ZN ? B ZN . ? A ZN 101 ? 4_565 NE2 A A HIS 35 ? A HIS 35 ? 1_555 0.7  ? 
6  OE1 ? A GLU 34 ? A GLU 34 ? 1_555 ZN ? B ZN . ? A ZN 101 ? 4_565 NE2 A A HIS 35 ? A HIS 35 ? 1_555 3.5  ? 
7  OE1 ? A GLU 3  ? A GLU 3  ? 1_555 ZN ? B ZN . ? A ZN 101 ? 4_565 NE2 B A HIS 35 ? A HIS 35 ? 1_555 38.2 ? 
8  OE1 ? A GLU 31 ? A GLU 31 ? 1_555 ZN ? B ZN . ? A ZN 101 ? 4_565 NE2 B A HIS 35 ? A HIS 35 ? 1_555 0.5  ? 
9  OE1 ? A GLU 34 ? A GLU 34 ? 1_555 ZN ? B ZN . ? A ZN 101 ? 4_565 NE2 B A HIS 35 ? A HIS 35 ? 1_555 3.3  ? 
10 NE2 A A HIS 35 ? A HIS 35 ? 1_555 ZN ? B ZN . ? A ZN 101 ? 4_565 NE2 B A HIS 35 ? A HIS 35 ? 1_555 0.2  ? 
# 
loop_
_pdbx_audit_revision_history.ordinal 
_pdbx_audit_revision_history.data_content_type 
_pdbx_audit_revision_history.major_revision 
_pdbx_audit_revision_history.minor_revision 
_pdbx_audit_revision_history.revision_date 
1 'Structure model' 1 0 2022-06-01 
2 'Structure model' 1 1 2023-10-18 
# 
_pdbx_audit_revision_details.ordinal             1 
_pdbx_audit_revision_details.revision_ordinal    1 
_pdbx_audit_revision_details.data_content_type   'Structure model' 
_pdbx_audit_revision_details.provider            repository 
_pdbx_audit_revision_details.type                'Initial release' 
_pdbx_audit_revision_details.description         ? 
_pdbx_audit_revision_details.details             ? 
# 
loop_
_pdbx_audit_revision_group.ordinal 
_pdbx_audit_revision_group.revision_ordinal 
_pdbx_audit_revision_group.data_content_type 
_pdbx_audit_revision_group.group 
1 2 'Structure model' 'Data collection'        
2 2 'Structure model' 'Refinement description' 
# 
loop_
_pdbx_audit_revision_category.ordinal 
_pdbx_audit_revision_category.revision_ordinal 
_pdbx_audit_revision_category.data_content_type 
_pdbx_audit_revision_category.category 
1 2 'Structure model' chem_comp_atom                
2 2 'Structure model' chem_comp_bond                
3 2 'Structure model' pdbx_initial_refinement_model 
# 
loop_
_software.citation_id 
_software.classification 
_software.compiler_name 
_software.compiler_version 
_software.contact_author 
_software.contact_author_email 
_software.date 
_software.description 
_software.dependencies 
_software.hardware 
_software.language 
_software.location 
_software.mods 
_software.name 
_software.os 
_software.os_version 
_software.type 
_software.version 
_software.pdbx_ordinal 
? refinement        ? ? ? ? ? ? ? ? ? ? ? BUSTER      ? ? ? 2.10.3 1 
? 'data reduction'  ? ? ? ? ? ? ? ? ? ? ? HKL-2000    ? ? ? .      2 
? 'data scaling'    ? ? ? ? ? ? ? ? ? ? ? SCALEPACK   ? ? ? .      3 
? 'data extraction' ? ? ? ? ? ? ? ? ? ? ? PDB_EXTRACT ? ? ? 3.27   4 
? phasing           ? ? ? ? ? ? ? ? ? ? ? MOLREP      ? ? ? .      5 
# 
_pdbx_entry_details.entry_id                 7N2Z 
_pdbx_entry_details.has_ligand_of_interest   Y 
_pdbx_entry_details.compound_details         ? 
_pdbx_entry_details.source_details           ? 
_pdbx_entry_details.nonpolymer_details       ? 
_pdbx_entry_details.sequence_details         ? 
# 
_pdbx_validate_main_chain_plane.id                       1 
_pdbx_validate_main_chain_plane.PDB_model_num            1 
_pdbx_validate_main_chain_plane.auth_comp_id             GLU 
_pdbx_validate_main_chain_plane.auth_asym_id             A 
_pdbx_validate_main_chain_plane.auth_seq_id              1 
_pdbx_validate_main_chain_plane.PDB_ins_code             ? 
_pdbx_validate_main_chain_plane.label_alt_id             ? 
_pdbx_validate_main_chain_plane.improper_torsion_angle   12.07 
# 
loop_
_chem_comp_atom.comp_id 
_chem_comp_atom.atom_id 
_chem_comp_atom.type_symbol 
_chem_comp_atom.pdbx_aromatic_flag 
_chem_comp_atom.pdbx_stereo_config 
_chem_comp_atom.pdbx_ordinal 
ALA N    N  N N 1   
ALA CA   C  N S 2   
ALA C    C  N N 3   
ALA O    O  N N 4   
ALA CB   C  N N 5   
ALA OXT  O  N N 6   
ALA H    H  N N 7   
ALA H2   H  N N 8   
ALA HA   H  N N 9   
ALA HB1  H  N N 10  
ALA HB2  H  N N 11  
ALA HB3  H  N N 12  
ALA HXT  H  N N 13  
CL  CL   CL N N 14  
CYS N    N  N N 15  
CYS CA   C  N R 16  
CYS C    C  N N 17  
CYS O    O  N N 18  
CYS CB   C  N N 19  
CYS SG   S  N N 20  
CYS OXT  O  N N 21  
CYS H    H  N N 22  
CYS H2   H  N N 23  
CYS HA   H  N N 24  
CYS HB2  H  N N 25  
CYS HB3  H  N N 26  
CYS HG   H  N N 27  
CYS HXT  H  N N 28  
GLN N    N  N N 29  
GLN CA   C  N S 30  
GLN C    C  N N 31  
GLN O    O  N N 32  
GLN CB   C  N N 33  
GLN CG   C  N N 34  
GLN CD   C  N N 35  
GLN OE1  O  N N 36  
GLN NE2  N  N N 37  
GLN OXT  O  N N 38  
GLN H    H  N N 39  
GLN H2   H  N N 40  
GLN HA   H  N N 41  
GLN HB2  H  N N 42  
GLN HB3  H  N N 43  
GLN HG2  H  N N 44  
GLN HG3  H  N N 45  
GLN HE21 H  N N 46  
GLN HE22 H  N N 47  
GLN HXT  H  N N 48  
GLU N    N  N N 49  
GLU CA   C  N S 50  
GLU C    C  N N 51  
GLU O    O  N N 52  
GLU CB   C  N N 53  
GLU CG   C  N N 54  
GLU CD   C  N N 55  
GLU OE1  O  N N 56  
GLU OE2  O  N N 57  
GLU OXT  O  N N 58  
GLU H    H  N N 59  
GLU H2   H  N N 60  
GLU HA   H  N N 61  
GLU HB2  H  N N 62  
GLU HB3  H  N N 63  
GLU HG2  H  N N 64  
GLU HG3  H  N N 65  
GLU HE2  H  N N 66  
GLU HXT  H  N N 67  
GLY N    N  N N 68  
GLY CA   C  N N 69  
GLY C    C  N N 70  
GLY O    O  N N 71  
GLY OXT  O  N N 72  
GLY H    H  N N 73  
GLY H2   H  N N 74  
GLY HA2  H  N N 75  
GLY HA3  H  N N 76  
GLY HXT  H  N N 77  
HIS N    N  N N 78  
HIS CA   C  N S 79  
HIS C    C  N N 80  
HIS O    O  N N 81  
HIS CB   C  N N 82  
HIS CG   C  Y N 83  
HIS ND1  N  Y N 84  
HIS CD2  C  Y N 85  
HIS CE1  C  Y N 86  
HIS NE2  N  Y N 87  
HIS OXT  O  N N 88  
HIS H    H  N N 89  
HIS H2   H  N N 90  
HIS HA   H  N N 91  
HIS HB2  H  N N 92  
HIS HB3  H  N N 93  
HIS HD1  H  N N 94  
HIS HD2  H  N N 95  
HIS HE1  H  N N 96  
HIS HE2  H  N N 97  
HIS HXT  H  N N 98  
HOH O    O  N N 99  
HOH H1   H  N N 100 
HOH H2   H  N N 101 
LEU N    N  N N 102 
LEU CA   C  N S 103 
LEU C    C  N N 104 
LEU O    O  N N 105 
LEU CB   C  N N 106 
LEU CG   C  N N 107 
LEU CD1  C  N N 108 
LEU CD2  C  N N 109 
LEU OXT  O  N N 110 
LEU H    H  N N 111 
LEU H2   H  N N 112 
LEU HA   H  N N 113 
LEU HB2  H  N N 114 
LEU HB3  H  N N 115 
LEU HG   H  N N 116 
LEU HD11 H  N N 117 
LEU HD12 H  N N 118 
LEU HD13 H  N N 119 
LEU HD21 H  N N 120 
LEU HD22 H  N N 121 
LEU HD23 H  N N 122 
LEU HXT  H  N N 123 
LYS N    N  N N 124 
LYS CA   C  N S 125 
LYS C    C  N N 126 
LYS O    O  N N 127 
LYS CB   C  N N 128 
LYS CG   C  N N 129 
LYS CD   C  N N 130 
LYS CE   C  N N 131 
LYS NZ   N  N N 132 
LYS OXT  O  N N 133 
LYS H    H  N N 134 
LYS H2   H  N N 135 
LYS HA   H  N N 136 
LYS HB2  H  N N 137 
LYS HB3  H  N N 138 
LYS HG2  H  N N 139 
LYS HG3  H  N N 140 
LYS HD2  H  N N 141 
LYS HD3  H  N N 142 
LYS HE2  H  N N 143 
LYS HE3  H  N N 144 
LYS HZ1  H  N N 145 
LYS HZ2  H  N N 146 
LYS HZ3  H  N N 147 
LYS HXT  H  N N 148 
PB  PB   PB N N 149 
SER N    N  N N 150 
SER CA   C  N S 151 
SER C    C  N N 152 
SER O    O  N N 153 
SER CB   C  N N 154 
SER OG   O  N N 155 
SER OXT  O  N N 156 
SER H    H  N N 157 
SER H2   H  N N 158 
SER HA   H  N N 159 
SER HB2  H  N N 160 
SER HB3  H  N N 161 
SER HG   H  N N 162 
SER HXT  H  N N 163 
TRP N    N  N N 164 
TRP CA   C  N S 165 
TRP C    C  N N 166 
TRP O    O  N N 167 
TRP CB   C  N N 168 
TRP CG   C  Y N 169 
TRP CD1  C  Y N 170 
TRP CD2  C  Y N 171 
TRP NE1  N  Y N 172 
TRP CE2  C  Y N 173 
TRP CE3  C  Y N 174 
TRP CZ2  C  Y N 175 
TRP CZ3  C  Y N 176 
TRP CH2  C  Y N 177 
TRP OXT  O  N N 178 
TRP H    H  N N 179 
TRP H2   H  N N 180 
TRP HA   H  N N 181 
TRP HB2  H  N N 182 
TRP HB3  H  N N 183 
TRP HD1  H  N N 184 
TRP HE1  H  N N 185 
TRP HE3  H  N N 186 
TRP HZ2  H  N N 187 
TRP HZ3  H  N N 188 
TRP HH2  H  N N 189 
TRP HXT  H  N N 190 
ZN  ZN   ZN N N 191 
# 
loop_
_chem_comp_bond.comp_id 
_chem_comp_bond.atom_id_1 
_chem_comp_bond.atom_id_2 
_chem_comp_bond.value_order 
_chem_comp_bond.pdbx_aromatic_flag 
_chem_comp_bond.pdbx_stereo_config 
_chem_comp_bond.pdbx_ordinal 
ALA N   CA   sing N N 1   
ALA N   H    sing N N 2   
ALA N   H2   sing N N 3   
ALA CA  C    sing N N 4   
ALA CA  CB   sing N N 5   
ALA CA  HA   sing N N 6   
ALA C   O    doub N N 7   
ALA C   OXT  sing N N 8   
ALA CB  HB1  sing N N 9   
ALA CB  HB2  sing N N 10  
ALA CB  HB3  sing N N 11  
ALA OXT HXT  sing N N 12  
CYS N   CA   sing N N 13  
CYS N   H    sing N N 14  
CYS N   H2   sing N N 15  
CYS CA  C    sing N N 16  
CYS CA  CB   sing N N 17  
CYS CA  HA   sing N N 18  
CYS C   O    doub N N 19  
CYS C   OXT  sing N N 20  
CYS CB  SG   sing N N 21  
CYS CB  HB2  sing N N 22  
CYS CB  HB3  sing N N 23  
CYS SG  HG   sing N N 24  
CYS OXT HXT  sing N N 25  
GLN N   CA   sing N N 26  
GLN N   H    sing N N 27  
GLN N   H2   sing N N 28  
GLN CA  C    sing N N 29  
GLN CA  CB   sing N N 30  
GLN CA  HA   sing N N 31  
GLN C   O    doub N N 32  
GLN C   OXT  sing N N 33  
GLN CB  CG   sing N N 34  
GLN CB  HB2  sing N N 35  
GLN CB  HB3  sing N N 36  
GLN CG  CD   sing N N 37  
GLN CG  HG2  sing N N 38  
GLN CG  HG3  sing N N 39  
GLN CD  OE1  doub N N 40  
GLN CD  NE2  sing N N 41  
GLN NE2 HE21 sing N N 42  
GLN NE2 HE22 sing N N 43  
GLN OXT HXT  sing N N 44  
GLU N   CA   sing N N 45  
GLU N   H    sing N N 46  
GLU N   H2   sing N N 47  
GLU CA  C    sing N N 48  
GLU CA  CB   sing N N 49  
GLU CA  HA   sing N N 50  
GLU C   O    doub N N 51  
GLU C   OXT  sing N N 52  
GLU CB  CG   sing N N 53  
GLU CB  HB2  sing N N 54  
GLU CB  HB3  sing N N 55  
GLU CG  CD   sing N N 56  
GLU CG  HG2  sing N N 57  
GLU CG  HG3  sing N N 58  
GLU CD  OE1  doub N N 59  
GLU CD  OE2  sing N N 60  
GLU OE2 HE2  sing N N 61  
GLU OXT HXT  sing N N 62  
GLY N   CA   sing N N 63  
GLY N   H    sing N N 64  
GLY N   H2   sing N N 65  
GLY CA  C    sing N N 66  
GLY CA  HA2  sing N N 67  
GLY CA  HA3  sing N N 68  
GLY C   O    doub N N 69  
GLY C   OXT  sing N N 70  
GLY OXT HXT  sing N N 71  
HIS N   CA   sing N N 72  
HIS N   H    sing N N 73  
HIS N   H2   sing N N 74  
HIS CA  C    sing N N 75  
HIS CA  CB   sing N N 76  
HIS CA  HA   sing N N 77  
HIS C   O    doub N N 78  
HIS C   OXT  sing N N 79  
HIS CB  CG   sing N N 80  
HIS CB  HB2  sing N N 81  
HIS CB  HB3  sing N N 82  
HIS CG  ND1  sing Y N 83  
HIS CG  CD2  doub Y N 84  
HIS ND1 CE1  doub Y N 85  
HIS ND1 HD1  sing N N 86  
HIS CD2 NE2  sing Y N 87  
HIS CD2 HD2  sing N N 88  
HIS CE1 NE2  sing Y N 89  
HIS CE1 HE1  sing N N 90  
HIS NE2 HE2  sing N N 91  
HIS OXT HXT  sing N N 92  
HOH O   H1   sing N N 93  
HOH O   H2   sing N N 94  
LEU N   CA   sing N N 95  
LEU N   H    sing N N 96  
LEU N   H2   sing N N 97  
LEU CA  C    sing N N 98  
LEU CA  CB   sing N N 99  
LEU CA  HA   sing N N 100 
LEU C   O    doub N N 101 
LEU C   OXT  sing N N 102 
LEU CB  CG   sing N N 103 
LEU CB  HB2  sing N N 104 
LEU CB  HB3  sing N N 105 
LEU CG  CD1  sing N N 106 
LEU CG  CD2  sing N N 107 
LEU CG  HG   sing N N 108 
LEU CD1 HD11 sing N N 109 
LEU CD1 HD12 sing N N 110 
LEU CD1 HD13 sing N N 111 
LEU CD2 HD21 sing N N 112 
LEU CD2 HD22 sing N N 113 
LEU CD2 HD23 sing N N 114 
LEU OXT HXT  sing N N 115 
LYS N   CA   sing N N 116 
LYS N   H    sing N N 117 
LYS N   H2   sing N N 118 
LYS CA  C    sing N N 119 
LYS CA  CB   sing N N 120 
LYS CA  HA   sing N N 121 
LYS C   O    doub N N 122 
LYS C   OXT  sing N N 123 
LYS CB  CG   sing N N 124 
LYS CB  HB2  sing N N 125 
LYS CB  HB3  sing N N 126 
LYS CG  CD   sing N N 127 
LYS CG  HG2  sing N N 128 
LYS CG  HG3  sing N N 129 
LYS CD  CE   sing N N 130 
LYS CD  HD2  sing N N 131 
LYS CD  HD3  sing N N 132 
LYS CE  NZ   sing N N 133 
LYS CE  HE2  sing N N 134 
LYS CE  HE3  sing N N 135 
LYS NZ  HZ1  sing N N 136 
LYS NZ  HZ2  sing N N 137 
LYS NZ  HZ3  sing N N 138 
LYS OXT HXT  sing N N 139 
SER N   CA   sing N N 140 
SER N   H    sing N N 141 
SER N   H2   sing N N 142 
SER CA  C    sing N N 143 
SER CA  CB   sing N N 144 
SER CA  HA   sing N N 145 
SER C   O    doub N N 146 
SER C   OXT  sing N N 147 
SER CB  OG   sing N N 148 
SER CB  HB2  sing N N 149 
SER CB  HB3  sing N N 150 
SER OG  HG   sing N N 151 
SER OXT HXT  sing N N 152 
TRP N   CA   sing N N 153 
TRP N   H    sing N N 154 
TRP N   H2   sing N N 155 
TRP CA  C    sing N N 156 
TRP CA  CB   sing N N 157 
TRP CA  HA   sing N N 158 
TRP C   O    doub N N 159 
TRP C   OXT  sing N N 160 
TRP CB  CG   sing N N 161 
TRP CB  HB2  sing N N 162 
TRP CB  HB3  sing N N 163 
TRP CG  CD1  doub Y N 164 
TRP CG  CD2  sing Y N 165 
TRP CD1 NE1  sing Y N 166 
TRP CD1 HD1  sing N N 167 
TRP CD2 CE2  doub Y N 168 
TRP CD2 CE3  sing Y N 169 
TRP NE1 CE2  sing Y N 170 
TRP NE1 HE1  sing N N 171 
TRP CE2 CZ2  sing Y N 172 
TRP CE3 CZ3  doub Y N 173 
TRP CE3 HE3  sing N N 174 
TRP CZ2 CH2  doub Y N 175 
TRP CZ2 HZ2  sing N N 176 
TRP CZ3 CH2  sing Y N 177 
TRP CZ3 HZ3  sing N N 178 
TRP CH2 HH2  sing N N 179 
TRP OXT HXT  sing N N 180 
# 
_pdbx_audit_support.funding_organization   
'National Institutes of Health/National Institute of General Medical Sciences (NIH/NIGMS)' 
_pdbx_audit_support.country                'United States' 
_pdbx_audit_support.grant_number           GM141086 
_pdbx_audit_support.ordinal                1 
# 
loop_
_pdbx_entity_instance_feature.ordinal 
_pdbx_entity_instance_feature.comp_id 
_pdbx_entity_instance_feature.asym_id 
_pdbx_entity_instance_feature.seq_num 
_pdbx_entity_instance_feature.auth_comp_id 
_pdbx_entity_instance_feature.auth_asym_id 
_pdbx_entity_instance_feature.auth_seq_num 
_pdbx_entity_instance_feature.feature_type 
_pdbx_entity_instance_feature.details 
1 CL ? ? CL ? ? 'SUBJECT OF INVESTIGATION' ? 
2 PB ? ? PB ? ? 'SUBJECT OF INVESTIGATION' ? 
3 ZN ? ? ZN ? ? 'SUBJECT OF INVESTIGATION' ? 
# 
loop_
_pdbx_entity_nonpoly.entity_id 
_pdbx_entity_nonpoly.name 
_pdbx_entity_nonpoly.comp_id 
2 'ZINC ION'      ZN  
3 'LEAD (II) ION' PB  
4 'CHLORIDE ION'  CL  
5 water           HOH 
# 
_pdbx_initial_refinement_model.id               1 
_pdbx_initial_refinement_model.entity_id_list   ? 
_pdbx_initial_refinement_model.type             'experimental model' 
_pdbx_initial_refinement_model.source_name      PDB 
_pdbx_initial_refinement_model.accession_code   6EGL 
_pdbx_initial_refinement_model.details          ? 
# 
_pdbx_struct_assembly_auth_evidence.id                     1 
_pdbx_struct_assembly_auth_evidence.assembly_id            1 
_pdbx_struct_assembly_auth_evidence.experimental_support   'mass spectrometry' 
_pdbx_struct_assembly_auth_evidence.details                ? 
# 
